data_1NXK
#
_entry.id   1NXK
#
_cell.length_a   160.202
_cell.length_b   160.202
_cell.length_c   133.481
_cell.angle_alpha   90.00
_cell.angle_beta   90.00
_cell.angle_gamma   120.00
#
_symmetry.space_group_name_H-M   'P 63'
#
loop_
_entity.id
_entity.type
_entity.pdbx_description
1 polymer 'MAP kinase-activated protein kinase 2'
2 non-polymer STAUROSPORINE
3 non-polymer 'SULFATE ION'
4 water water
#
_entity_poly.entity_id   1
_entity_poly.type   'polypeptide(L)'
_entity_poly.pdbx_seq_one_letter_code
;MLSNSQGQSPPVPFPAPAPPPQPPTPALPHPPAQPPPPPPQQFPQFHVKSGLQIKKNAIIDDYKVTSQVLGLGINGKVLQ
IFNKRTQEKFALK(MSE)LQDCPKARREVELHWRASQCPHIVRIVDVYENLYAGRKCLLIV(MSE)ECLDGGELFSRIQD
RGDQAFTEREASEI(MSE)KSIGEAIQYLHSINIAHRDVKPENLLYTSKRPNAILKLTDFGFAKETTSHNSLTTPCYTPY
YVAPEVLGPEKYDKSCD(MSE)WSLGVI(MSE)YILLCGYPPFYSNHGLAISPG(MSE)KTRIR(MSE)GQYEFPNPEWS
EVSEEVK(MSE)LIRNLLKTEPTQR(MSE)TITEF(MSE)NHPWI(MSE)QSTKVPQTPLHTSRVLKEDKERWEDVKEE
(MSE)TSALATMRVDYEQIKIKKIEDASNPLLLKRRKKARALEAAALAH
;
_entity_poly.pdbx_strand_id   A,B,C,D
#
# COMPACT_ATOMS: atom_id res chain seq x y z
N GLN A 42 -27.38 2.99 -6.37
CA GLN A 42 -26.96 4.08 -5.49
C GLN A 42 -25.44 4.12 -5.33
N PHE A 43 -24.80 3.04 -5.80
CA PHE A 43 -23.36 2.88 -5.61
C PHE A 43 -22.56 3.67 -6.65
N PRO A 44 -21.43 4.24 -6.19
CA PRO A 44 -20.57 5.07 -7.02
C PRO A 44 -19.72 4.23 -7.98
N GLN A 45 -20.47 3.36 -8.67
CA GLN A 45 -19.81 2.48 -9.62
C GLN A 45 -18.92 3.26 -10.59
N PHE A 46 -19.38 4.48 -10.86
CA PHE A 46 -18.78 5.32 -11.90
C PHE A 46 -17.43 5.73 -11.39
N HIS A 47 -17.13 5.40 -10.15
CA HIS A 47 -15.83 5.74 -9.61
C HIS A 47 -14.93 4.53 -9.69
N VAL A 48 -15.45 3.44 -10.24
CA VAL A 48 -14.64 2.25 -10.33
C VAL A 48 -14.05 2.15 -11.69
N LYS A 49 -12.71 2.14 -11.74
CA LYS A 49 -11.92 2.04 -12.97
C LYS A 49 -10.93 0.87 -12.93
N SER A 50 -10.69 0.30 -14.13
CA SER A 50 -9.80 -0.84 -14.19
C SER A 50 -8.35 -0.47 -13.88
N GLY A 51 -7.63 -1.44 -13.29
CA GLY A 51 -6.20 -1.26 -13.08
C GLY A 51 -5.45 -1.41 -14.40
N LEU A 52 -4.12 -1.30 -14.39
CA LEU A 52 -3.32 -1.33 -15.60
C LEU A 52 -2.65 -2.68 -15.80
N GLN A 53 -3.03 -3.45 -16.83
CA GLN A 53 -2.39 -4.74 -17.10
C GLN A 53 -1.25 -4.53 -18.10
N ILE A 54 -0.02 -4.76 -17.65
CA ILE A 54 1.17 -4.60 -18.45
C ILE A 54 1.38 -5.78 -19.38
N LYS A 55 1.52 -5.54 -20.68
CA LYS A 55 1.70 -6.63 -21.63
C LYS A 55 3.16 -7.03 -21.75
N LYS A 56 3.41 -8.32 -21.89
CA LYS A 56 4.77 -8.79 -22.01
C LYS A 56 5.13 -9.03 -23.46
N ASN A 57 4.13 -9.22 -24.32
CA ASN A 57 4.52 -9.47 -25.70
C ASN A 57 5.37 -8.34 -26.31
N ALA A 58 6.25 -8.68 -27.23
CA ALA A 58 7.07 -7.63 -27.81
C ALA A 58 6.17 -6.57 -28.41
N ILE A 59 6.46 -5.31 -28.10
CA ILE A 59 5.70 -4.22 -28.62
C ILE A 59 5.75 -4.23 -30.18
N ILE A 60 6.85 -4.74 -30.75
CA ILE A 60 6.95 -4.77 -32.20
C ILE A 60 5.91 -5.69 -32.89
N ASP A 61 5.14 -6.43 -32.10
CA ASP A 61 4.08 -7.27 -32.67
C ASP A 61 2.92 -6.39 -32.98
N ASP A 62 2.74 -5.35 -32.17
CA ASP A 62 1.57 -4.51 -32.31
C ASP A 62 1.73 -3.16 -32.94
N TYR A 63 2.95 -2.69 -33.01
CA TYR A 63 3.16 -1.39 -33.59
C TYR A 63 4.41 -1.43 -34.40
N LYS A 64 4.50 -0.48 -35.30
CA LYS A 64 5.69 -0.34 -36.08
C LYS A 64 6.33 0.77 -35.26
N VAL A 65 7.59 0.59 -34.86
CA VAL A 65 8.27 1.62 -34.09
C VAL A 65 9.26 2.36 -34.96
N THR A 66 8.82 3.48 -35.52
CA THR A 66 9.76 4.24 -36.33
C THR A 66 10.96 4.72 -35.50
N SER A 67 12.07 4.99 -36.21
CA SER A 67 13.26 5.45 -35.51
C SER A 67 13.29 6.97 -35.39
N GLN A 68 12.09 7.56 -35.39
CA GLN A 68 12.00 9.02 -35.35
C GLN A 68 11.63 9.52 -33.95
N VAL A 69 12.40 10.51 -33.48
CA VAL A 69 12.20 11.00 -32.13
C VAL A 69 11.29 12.22 -32.08
N LEU A 70 10.27 12.15 -31.20
CA LEU A 70 9.41 13.30 -30.99
C LEU A 70 10.07 14.31 -30.05
N GLY A 71 10.90 13.76 -29.16
CA GLY A 71 11.64 14.54 -28.17
C GLY A 71 12.11 13.67 -27.00
N LEU A 72 12.81 14.31 -26.05
CA LEU A 72 13.31 13.58 -24.88
C LEU A 72 12.54 13.95 -23.61
N GLY A 73 11.76 12.98 -23.12
CA GLY A 73 11.07 13.19 -21.86
C GLY A 73 11.95 12.76 -20.68
N ILE A 74 11.40 12.94 -19.47
CA ILE A 74 12.18 12.59 -18.29
C ILE A 74 12.43 11.09 -18.18
N ASN A 75 13.71 10.71 -18.40
CA ASN A 75 14.09 9.33 -18.12
C ASN A 75 13.89 8.42 -19.33
N GLY A 76 13.49 9.03 -20.45
CA GLY A 76 13.25 8.24 -21.65
C GLY A 76 12.97 9.10 -22.88
N LYS A 77 13.29 8.52 -24.05
CA LYS A 77 12.98 9.20 -25.29
C LYS A 77 11.53 8.97 -25.72
N VAL A 78 11.07 9.80 -26.66
CA VAL A 78 9.69 9.65 -27.12
C VAL A 78 9.63 9.51 -28.65
N LEU A 79 9.49 8.24 -29.09
CA LEU A 79 9.41 7.97 -30.52
C LEU A 79 7.97 7.98 -31.01
N GLN A 80 7.85 8.04 -32.32
CA GLN A 80 6.55 7.91 -32.95
C GLN A 80 6.44 6.48 -33.42
N ILE A 81 5.30 5.88 -33.09
CA ILE A 81 5.04 4.52 -33.48
C ILE A 81 3.68 4.47 -34.18
N PHE A 82 3.46 3.41 -34.96
CA PHE A 82 2.22 3.23 -35.69
C PHE A 82 1.61 1.89 -35.35
N ASN A 83 0.30 1.90 -35.26
CA ASN A 83 -0.47 0.74 -34.93
C ASN A 83 -0.60 -0.20 -36.15
N LYS A 84 0.08 -1.35 -36.12
CA LYS A 84 0.06 -2.31 -37.22
C LYS A 84 -1.35 -2.82 -37.62
N ARG A 85 -2.26 -2.91 -36.66
CA ARG A 85 -3.61 -3.36 -36.99
C ARG A 85 -4.45 -2.21 -37.49
N THR A 86 -4.36 -1.04 -36.88
CA THR A 86 -5.22 0.06 -37.33
C THR A 86 -4.58 1.24 -38.02
N GLN A 87 -3.25 1.24 -38.09
CA GLN A 87 -2.50 2.30 -38.74
C GLN A 87 -2.57 3.68 -38.07
N GLU A 88 -3.18 3.76 -36.89
CA GLU A 88 -3.25 5.05 -36.20
C GLU A 88 -1.88 5.41 -35.66
N LYS A 89 -1.66 6.68 -35.39
CA LYS A 89 -0.37 7.13 -34.89
C LYS A 89 -0.30 7.33 -33.36
N PHE A 90 0.79 6.87 -32.74
CA PHE A 90 0.90 7.03 -31.32
C PHE A 90 2.26 7.48 -30.87
N ALA A 91 2.34 7.99 -29.64
CA ALA A 91 3.60 8.42 -29.08
C ALA A 91 4.05 7.29 -28.12
N LEU A 92 5.35 7.08 -28.07
CA LEU A 92 5.90 6.04 -27.23
C LEU A 92 7.07 6.53 -26.38
N LYS A 93 6.93 6.45 -25.06
CA LYS A 93 8.01 6.82 -24.15
C LYS A 93 8.69 5.53 -23.73
N LEU A 95 11.01 3.79 -21.07
CA LEU A 95 11.64 3.95 -19.77
C LEU A 95 12.44 2.72 -19.45
N GLN A 96 13.52 2.82 -18.70
CA GLN A 96 14.25 1.63 -18.29
C GLN A 96 13.55 1.18 -17.01
N ASP A 97 13.19 -0.09 -16.93
CA ASP A 97 12.48 -0.59 -15.75
C ASP A 97 13.26 -0.37 -14.43
N CYS A 98 12.62 0.26 -13.46
CA CYS A 98 13.29 0.50 -12.19
C CYS A 98 12.23 1.11 -11.34
N PRO A 99 12.47 1.21 -10.02
CA PRO A 99 11.48 1.79 -9.11
C PRO A 99 10.87 3.12 -9.52
N LYS A 100 11.68 4.08 -9.94
CA LYS A 100 11.14 5.35 -10.38
C LYS A 100 10.24 5.07 -11.58
N ALA A 101 10.75 4.30 -12.54
CA ALA A 101 9.94 3.89 -13.69
C ALA A 101 8.57 3.29 -13.31
N ARG A 102 8.58 2.37 -12.34
CA ARG A 102 7.31 1.76 -11.99
C ARG A 102 6.38 2.73 -11.23
N ARG A 103 7.00 3.80 -10.67
CA ARG A 103 6.21 4.86 -10.06
C ARG A 103 5.53 5.75 -11.13
N GLU A 104 6.33 6.13 -12.15
CA GLU A 104 5.77 6.99 -13.21
C GLU A 104 4.57 6.36 -13.90
N VAL A 105 4.62 5.07 -14.22
CA VAL A 105 3.55 4.40 -14.92
C VAL A 105 2.29 4.38 -14.09
N GLU A 106 2.43 3.93 -12.86
CA GLU A 106 1.28 3.88 -11.97
C GLU A 106 0.64 5.28 -11.79
N LEU A 107 1.45 6.26 -11.42
CA LEU A 107 0.97 7.61 -11.26
C LEU A 107 0.29 8.08 -12.52
N HIS A 108 0.98 7.94 -13.62
CA HIS A 108 0.43 8.40 -14.89
C HIS A 108 -0.83 7.59 -15.24
N TRP A 109 -0.90 6.32 -14.85
CA TRP A 109 -2.08 5.52 -15.18
C TRP A 109 -3.29 6.10 -14.48
N ARG A 110 -3.09 6.42 -13.18
CA ARG A 110 -4.17 6.98 -12.38
C ARG A 110 -4.62 8.36 -12.89
N ALA A 111 -3.63 9.19 -13.23
CA ALA A 111 -3.94 10.54 -13.70
C ALA A 111 -4.68 10.51 -15.04
N SER A 112 -4.51 9.39 -15.77
CA SER A 112 -5.05 9.30 -17.12
C SER A 112 -6.58 9.39 -17.16
N GLN A 113 -7.21 9.05 -16.01
CA GLN A 113 -8.67 9.09 -15.96
C GLN A 113 -9.21 10.50 -16.26
N CYS A 114 -8.33 11.52 -16.15
CA CYS A 114 -8.75 12.90 -16.37
C CYS A 114 -8.46 13.31 -17.81
N PRO A 115 -9.51 13.81 -18.45
CA PRO A 115 -9.52 14.20 -19.88
C PRO A 115 -8.45 15.22 -20.27
N HIS A 116 -7.79 15.80 -19.27
CA HIS A 116 -6.79 16.79 -19.65
C HIS A 116 -5.38 16.28 -19.46
N ILE A 117 -5.27 14.95 -19.38
CA ILE A 117 -3.97 14.34 -19.28
C ILE A 117 -3.81 13.25 -20.33
N VAL A 118 -2.66 13.31 -21.04
CA VAL A 118 -2.44 12.39 -22.13
C VAL A 118 -2.83 10.96 -21.75
N ARG A 119 -3.70 10.36 -22.59
CA ARG A 119 -4.21 9.02 -22.36
C ARG A 119 -3.11 7.98 -22.52
N ILE A 120 -3.08 6.98 -21.62
CA ILE A 120 -2.23 5.83 -21.88
C ILE A 120 -3.02 4.73 -22.57
N VAL A 121 -2.56 4.36 -23.78
CA VAL A 121 -3.14 3.22 -24.45
C VAL A 121 -2.54 1.92 -23.91
N ASP A 122 -1.25 1.78 -23.76
CA ASP A 122 -0.78 0.52 -23.23
C ASP A 122 0.58 0.65 -22.64
N VAL A 123 0.90 -0.27 -21.74
CA VAL A 123 2.22 -0.28 -21.20
C VAL A 123 2.79 -1.65 -21.47
N TYR A 124 4.01 -1.67 -21.98
CA TYR A 124 4.71 -2.91 -22.26
C TYR A 124 5.95 -3.09 -21.37
N GLU A 125 6.24 -4.31 -20.98
CA GLU A 125 7.42 -4.60 -20.22
C GLU A 125 8.12 -5.54 -21.14
N ASN A 126 9.14 -5.06 -21.86
CA ASN A 126 9.88 -5.90 -22.78
C ASN A 126 11.33 -5.88 -22.41
N LEU A 127 12.14 -6.42 -23.31
CA LEU A 127 13.59 -6.55 -23.16
C LEU A 127 14.29 -5.78 -24.27
N TYR A 128 14.79 -4.58 -23.99
CA TYR A 128 15.51 -3.88 -25.04
C TYR A 128 17.02 -4.10 -24.93
N ALA A 129 17.54 -4.91 -25.86
CA ALA A 129 18.98 -5.16 -25.88
C ALA A 129 19.49 -5.70 -24.54
N GLY A 130 18.76 -6.70 -24.02
CA GLY A 130 19.21 -7.34 -22.78
C GLY A 130 18.56 -6.70 -21.54
N ARG A 131 18.34 -5.38 -21.63
CA ARG A 131 17.82 -4.57 -20.53
C ARG A 131 16.29 -4.60 -20.45
N LYS A 132 15.80 -4.54 -19.20
CA LYS A 132 14.35 -4.48 -18.98
C LYS A 132 13.86 -3.03 -19.01
N CYS A 133 12.76 -2.79 -19.76
CA CYS A 133 12.24 -1.42 -19.84
C CYS A 133 10.73 -1.41 -20.06
N LEU A 134 10.19 -0.26 -19.64
CA LEU A 134 8.75 0.01 -19.72
C LEU A 134 8.45 0.87 -20.94
N LEU A 135 7.59 0.37 -21.83
CA LEU A 135 7.24 1.08 -23.05
C LEU A 135 5.84 1.63 -22.87
N ILE A 136 5.75 2.94 -22.81
CA ILE A 136 4.46 3.56 -22.57
C ILE A 136 3.84 4.07 -23.86
N VAL A 137 2.72 3.46 -24.26
CA VAL A 137 2.06 3.92 -25.46
C VAL A 137 1.08 5.02 -25.13
N GLU A 139 -1.50 8.29 -26.54
CA GLU A 139 -2.34 8.86 -27.60
C GLU A 139 -1.57 9.99 -28.31
N CYS A 140 -1.82 10.23 -29.58
CA CYS A 140 -1.08 11.28 -30.27
C CYS A 140 -1.66 12.66 -29.96
N LEU A 141 -0.77 13.61 -29.73
CA LEU A 141 -1.01 15.05 -29.58
C LEU A 141 -0.28 15.88 -30.66
N ASP A 142 -1.04 16.24 -31.71
CA ASP A 142 -0.47 16.92 -32.86
C ASP A 142 -0.83 18.40 -32.88
N GLY A 143 -1.50 18.85 -31.79
CA GLY A 143 -1.98 20.22 -31.76
C GLY A 143 -0.83 21.22 -31.57
N GLY A 144 0.30 20.71 -31.06
CA GLY A 144 1.45 21.57 -30.82
C GLY A 144 1.40 22.18 -29.42
N GLU A 145 2.52 22.79 -29.02
CA GLU A 145 2.58 23.42 -27.70
C GLU A 145 1.43 24.41 -27.50
N LEU A 146 1.14 24.67 -26.22
CA LEU A 146 0.10 25.66 -25.91
C LEU A 146 0.41 27.02 -26.54
N PHE A 147 1.69 27.41 -26.44
CA PHE A 147 2.09 28.74 -26.91
C PHE A 147 2.32 28.77 -28.42
N SER A 148 2.52 27.64 -29.08
CA SER A 148 2.74 27.64 -30.53
C SER A 148 1.40 28.00 -31.12
N ARG A 149 0.37 27.33 -30.64
CA ARG A 149 -0.97 27.62 -31.11
C ARG A 149 -1.21 29.13 -30.92
N ILE A 150 -1.07 29.63 -29.70
CA ILE A 150 -1.27 31.05 -29.44
C ILE A 150 -0.45 31.87 -30.42
N GLN A 151 0.83 31.55 -30.55
CA GLN A 151 1.72 32.28 -31.44
C GLN A 151 1.22 32.36 -32.89
N ASP A 152 0.63 31.28 -33.38
CA ASP A 152 0.15 31.25 -34.76
C ASP A 152 -1.23 31.88 -34.89
N ARG A 153 -1.28 33.18 -35.22
CA ARG A 153 -2.55 33.88 -35.40
C ARG A 153 -2.37 35.13 -36.27
N ALA A 157 -6.66 38.87 -31.78
CA ALA A 157 -5.88 37.66 -31.55
C ALA A 157 -6.37 36.91 -30.31
N PHE A 158 -5.48 36.83 -29.30
CA PHE A 158 -5.85 36.15 -28.07
C PHE A 158 -6.39 37.14 -27.03
N THR A 159 -7.65 36.92 -26.63
CA THR A 159 -8.25 37.79 -25.63
C THR A 159 -7.91 37.31 -24.21
N GLU A 160 -8.51 37.99 -23.22
CA GLU A 160 -8.27 37.61 -21.83
C GLU A 160 -9.25 36.52 -21.38
N ARG A 161 -10.50 36.54 -21.81
CA ARG A 161 -11.40 35.45 -21.45
C ARG A 161 -10.87 34.17 -22.11
N GLU A 162 -10.10 34.33 -23.18
CA GLU A 162 -9.54 33.15 -23.83
C GLU A 162 -8.54 32.57 -22.84
N ALA A 163 -7.56 33.39 -22.44
CA ALA A 163 -6.55 33.02 -21.49
C ALA A 163 -7.16 32.44 -20.21
N SER A 164 -8.30 32.95 -19.83
CA SER A 164 -8.98 32.46 -18.65
C SER A 164 -9.46 31.07 -18.90
N GLU A 165 -10.04 30.87 -20.08
CA GLU A 165 -10.57 29.57 -20.45
C GLU A 165 -9.47 28.53 -20.49
N ILE A 166 -8.31 28.94 -20.99
CA ILE A 166 -7.17 28.05 -21.06
C ILE A 166 -6.69 27.75 -19.63
N LYS A 168 -8.17 27.60 -17.11
CA LYS A 168 -9.10 26.74 -16.38
C LYS A 168 -9.00 25.29 -16.85
N SER A 169 -8.55 25.06 -18.07
CA SER A 169 -8.46 23.68 -18.47
C SER A 169 -7.25 23.10 -17.76
N ILE A 170 -6.18 23.88 -17.72
CA ILE A 170 -4.95 23.42 -17.10
C ILE A 170 -5.24 23.14 -15.64
N GLY A 171 -5.96 24.05 -15.02
CA GLY A 171 -6.30 23.92 -13.64
C GLY A 171 -7.09 22.66 -13.42
N GLU A 172 -7.76 22.20 -14.46
CA GLU A 172 -8.57 20.98 -14.34
C GLU A 172 -7.72 19.74 -14.19
N ALA A 173 -6.62 19.66 -14.94
CA ALA A 173 -5.76 18.53 -14.78
C ALA A 173 -5.11 18.65 -13.39
N ILE A 174 -4.62 19.83 -13.06
CA ILE A 174 -3.99 20.00 -11.79
C ILE A 174 -4.93 19.67 -10.65
N GLN A 175 -6.17 20.10 -10.77
CA GLN A 175 -7.10 19.80 -9.68
C GLN A 175 -7.34 18.33 -9.54
N TYR A 176 -7.42 17.61 -10.65
CA TYR A 176 -7.67 16.18 -10.58
C TYR A 176 -6.53 15.44 -9.89
N LEU A 177 -5.32 15.81 -10.27
CA LEU A 177 -4.16 15.20 -9.70
C LEU A 177 -4.07 15.45 -8.18
N HIS A 178 -4.18 16.69 -7.71
CA HIS A 178 -4.08 16.89 -6.28
C HIS A 178 -5.17 16.18 -5.50
N SER A 179 -6.32 15.99 -6.12
CA SER A 179 -7.39 15.34 -5.42
C SER A 179 -7.10 13.88 -5.35
N ILE A 180 -6.26 13.33 -6.19
CA ILE A 180 -5.98 11.90 -5.98
C ILE A 180 -4.60 11.79 -5.37
N ASN A 181 -4.15 12.90 -4.81
CA ASN A 181 -2.85 12.96 -4.15
C ASN A 181 -1.60 12.84 -5.00
N ILE A 182 -1.56 13.52 -6.13
CA ILE A 182 -0.39 13.50 -6.96
C ILE A 182 0.05 14.91 -7.29
N ALA A 183 1.35 15.13 -7.19
CA ALA A 183 1.89 16.42 -7.50
C ALA A 183 2.63 16.07 -8.77
N HIS A 184 2.47 16.87 -9.82
CA HIS A 184 3.09 16.57 -11.08
C HIS A 184 4.56 16.99 -11.07
N ARG A 185 4.80 18.12 -10.44
CA ARG A 185 6.15 18.70 -10.31
C ARG A 185 6.96 19.12 -11.54
N ASP A 186 6.40 18.95 -12.75
CA ASP A 186 7.09 19.46 -13.93
C ASP A 186 6.09 20.05 -14.93
N VAL A 187 5.18 20.84 -14.38
CA VAL A 187 4.19 21.54 -15.17
C VAL A 187 4.85 22.75 -15.79
N LYS A 188 4.84 22.81 -17.09
CA LYS A 188 5.47 23.91 -17.73
C LYS A 188 4.82 24.00 -19.09
N PRO A 189 4.79 25.20 -19.66
CA PRO A 189 4.15 25.41 -20.94
C PRO A 189 4.48 24.34 -21.95
N GLU A 190 5.72 23.92 -21.98
CA GLU A 190 6.09 22.94 -22.97
C GLU A 190 5.51 21.52 -22.78
N ASN A 191 4.95 21.20 -21.60
CA ASN A 191 4.37 19.88 -21.41
C ASN A 191 2.88 19.88 -21.65
N LEU A 192 2.37 21.02 -22.09
CA LEU A 192 0.96 21.14 -22.38
C LEU A 192 0.86 21.15 -23.90
N LEU A 193 0.35 20.05 -24.47
CA LEU A 193 0.23 19.88 -25.92
C LEU A 193 -1.20 19.74 -26.32
N TYR A 194 -1.56 20.30 -27.46
CA TYR A 194 -2.94 20.19 -27.94
C TYR A 194 -3.17 18.90 -28.73
N THR A 195 -4.36 18.31 -28.58
CA THR A 195 -4.73 17.09 -29.31
C THR A 195 -4.63 17.25 -30.83
N SER A 196 -5.49 18.06 -31.39
CA SER A 196 -5.48 18.31 -32.84
C SER A 196 -5.24 19.79 -33.05
N LYS A 197 -5.29 20.21 -34.31
CA LYS A 197 -5.13 21.63 -34.61
C LYS A 197 -6.52 22.24 -34.76
N ARG A 198 -7.55 21.44 -34.48
CA ARG A 198 -8.92 21.93 -34.57
C ARG A 198 -9.14 23.10 -33.63
N PRO A 199 -10.19 23.88 -33.87
CA PRO A 199 -10.41 25.01 -32.96
C PRO A 199 -10.79 24.51 -31.58
N ASN A 200 -11.39 23.33 -31.53
CA ASN A 200 -11.83 22.76 -30.27
C ASN A 200 -10.99 21.57 -29.78
N ALA A 201 -9.70 21.58 -30.11
CA ALA A 201 -8.82 20.52 -29.65
C ALA A 201 -8.68 20.76 -28.15
N ILE A 202 -8.41 19.71 -27.38
CA ILE A 202 -8.25 19.88 -25.95
C ILE A 202 -6.80 19.86 -25.48
N LEU A 203 -6.46 20.71 -24.51
CA LEU A 203 -5.09 20.75 -23.97
C LEU A 203 -4.82 19.63 -22.98
N LYS A 204 -3.69 18.95 -23.13
CA LYS A 204 -3.35 17.89 -22.20
C LYS A 204 -1.96 17.94 -21.59
N LEU A 205 -1.90 17.70 -20.28
CA LEU A 205 -0.65 17.64 -19.52
C LEU A 205 0.05 16.30 -19.90
N THR A 206 1.37 16.36 -20.14
CA THR A 206 2.14 15.18 -20.44
C THR A 206 3.28 15.03 -19.41
N ASP A 207 4.18 14.10 -19.68
CA ASP A 207 5.34 13.77 -18.85
C ASP A 207 5.17 13.70 -17.36
N PHE A 208 5.07 12.49 -16.82
CA PHE A 208 4.91 12.22 -15.38
C PHE A 208 6.20 11.76 -14.73
N GLY A 209 7.30 12.04 -15.41
CA GLY A 209 8.62 11.69 -14.91
C GLY A 209 9.03 12.25 -13.55
N PHE A 210 8.43 13.35 -13.08
CA PHE A 210 8.76 13.88 -11.76
C PHE A 210 7.52 13.80 -10.91
N ALA A 211 6.46 13.18 -11.42
CA ALA A 211 5.25 13.11 -10.60
C ALA A 211 5.55 12.50 -9.24
N LYS A 212 4.74 12.84 -8.25
CA LYS A 212 4.99 12.27 -6.94
C LYS A 212 3.73 12.11 -6.10
N GLU A 213 3.70 11.01 -5.38
CA GLU A 213 2.58 10.71 -4.53
C GLU A 213 2.79 11.61 -3.32
N THR A 214 1.72 12.12 -2.77
CA THR A 214 1.86 13.02 -1.65
C THR A 214 1.25 12.45 -0.38
N THR A 215 1.81 11.36 0.14
CA THR A 215 1.27 10.75 1.35
C THR A 215 1.96 9.44 1.79
N PRO A 227 -13.21 12.07 12.24
CA PRO A 227 -14.21 13.03 12.66
C PRO A 227 -14.41 14.13 11.62
N TYR A 228 -15.67 14.63 11.57
CA TYR A 228 -15.98 15.68 10.61
C TYR A 228 -15.34 17.01 11.01
N TYR A 229 -14.57 16.90 12.11
CA TYR A 229 -13.97 18.14 12.61
C TYR A 229 -12.43 18.05 12.74
N VAL A 230 -11.92 16.90 12.31
CA VAL A 230 -10.49 16.67 12.27
C VAL A 230 -9.84 17.58 11.25
N ALA A 231 -8.73 18.20 11.62
CA ALA A 231 -7.98 19.08 10.72
C ALA A 231 -7.14 18.27 9.73
N PRO A 232 -6.92 18.86 8.54
CA PRO A 232 -6.24 18.16 7.46
C PRO A 232 -4.86 17.67 7.90
N GLU A 233 -4.20 18.48 8.73
CA GLU A 233 -2.83 18.18 9.15
C GLU A 233 -2.75 16.92 10.01
N VAL A 234 -3.94 16.44 10.42
CA VAL A 234 -3.96 15.27 11.30
C VAL A 234 -4.34 14.01 10.52
N LEU A 235 -5.01 14.21 9.38
CA LEU A 235 -5.41 13.08 8.56
C LEU A 235 -4.29 12.63 7.62
N GLY A 236 -3.13 13.33 7.73
CA GLY A 236 -2.00 13.00 6.87
C GLY A 236 -1.05 14.18 6.70
N PRO A 237 0.25 13.91 6.98
CA PRO A 237 1.31 14.92 6.87
C PRO A 237 1.23 15.70 5.56
N GLU A 238 1.90 15.14 4.52
CA GLU A 238 1.90 15.78 3.22
C GLU A 238 2.66 17.12 3.23
N LYS A 239 3.83 17.11 2.59
CA LYS A 239 4.66 18.32 2.56
C LYS A 239 4.08 19.38 1.62
N TYR A 240 4.99 19.99 0.82
CA TYR A 240 4.54 21.04 -0.08
C TYR A 240 4.99 20.79 -1.51
N ASP A 241 4.72 19.54 -1.97
CA ASP A 241 5.06 19.19 -3.35
C ASP A 241 3.95 19.59 -4.31
N LYS A 242 2.73 19.75 -3.75
CA LYS A 242 1.63 20.22 -4.58
C LYS A 242 1.85 21.68 -4.96
N SER A 243 2.37 22.29 -3.93
CA SER A 243 2.63 23.69 -3.92
C SER A 243 3.39 24.21 -5.10
N CYS A 244 4.35 23.46 -5.64
CA CYS A 244 5.02 24.03 -6.77
C CYS A 244 4.28 23.82 -8.10
N ASP A 245 3.26 22.98 -8.12
CA ASP A 245 2.46 22.83 -9.33
C ASP A 245 1.80 24.21 -9.45
N TRP A 247 2.93 27.07 -8.32
CA TRP A 247 3.86 28.08 -8.75
C TRP A 247 3.85 28.02 -10.29
N SER A 248 3.96 26.81 -10.84
CA SER A 248 3.94 26.62 -12.28
C SER A 248 2.77 27.32 -12.94
N LEU A 249 1.58 27.09 -12.39
CA LEU A 249 0.35 27.70 -12.87
C LEU A 249 0.60 29.22 -12.96
N GLY A 250 1.24 29.76 -11.93
CA GLY A 250 1.55 31.16 -11.92
C GLY A 250 2.33 31.59 -13.15
N VAL A 251 3.49 30.99 -13.38
CA VAL A 251 4.30 31.32 -14.55
C VAL A 251 3.52 31.13 -15.90
N ILE A 252 2.73 30.09 -16.02
CA ILE A 252 2.02 29.93 -17.27
C ILE A 252 1.07 31.13 -17.46
N TYR A 254 1.03 34.17 -16.22
CA TYR A 254 1.76 35.36 -16.54
C TYR A 254 2.00 35.34 -18.05
N ILE A 255 2.84 34.44 -18.54
CA ILE A 255 3.09 34.38 -19.97
C ILE A 255 1.82 34.40 -20.85
N LEU A 256 0.72 33.84 -20.38
CA LEU A 256 -0.47 33.85 -21.19
C LEU A 256 -1.03 35.24 -21.40
N LEU A 257 -0.66 36.19 -20.55
CA LEU A 257 -1.22 37.52 -20.71
C LEU A 257 -0.28 38.50 -21.38
N CYS A 258 0.99 38.17 -21.58
CA CYS A 258 1.86 39.15 -22.21
C CYS A 258 2.94 38.62 -23.13
N GLY A 259 3.03 37.31 -23.29
CA GLY A 259 4.02 36.75 -24.18
C GLY A 259 5.41 36.52 -23.63
N TYR A 260 5.69 36.90 -22.39
CA TYR A 260 7.04 36.66 -21.87
C TYR A 260 6.94 36.21 -20.42
N PRO A 261 8.01 35.64 -19.86
CA PRO A 261 8.07 35.15 -18.47
C PRO A 261 8.49 36.23 -17.50
N PRO A 262 8.13 36.09 -16.22
CA PRO A 262 8.43 37.01 -15.12
C PRO A 262 9.88 36.89 -14.64
N PHE A 263 10.39 35.68 -14.66
CA PHE A 263 11.82 35.70 -14.31
C PHE A 263 12.74 35.45 -15.51
N TYR A 264 13.88 36.19 -15.55
CA TYR A 264 14.84 36.03 -16.65
C TYR A 264 16.28 36.38 -16.23
N SER A 265 17.20 36.41 -17.23
CA SER A 265 18.61 36.72 -16.97
C SER A 265 18.95 38.20 -17.26
N ASN A 266 19.56 38.85 -16.26
CA ASN A 266 19.86 40.27 -16.41
C ASN A 266 21.03 40.69 -15.51
N HIS A 267 22.25 40.53 -16.05
CA HIS A 267 23.44 40.90 -15.28
C HIS A 267 23.61 42.42 -15.21
N GLY A 268 22.89 43.11 -16.11
CA GLY A 268 22.97 44.56 -16.12
C GLY A 268 22.32 45.16 -14.88
N LEU A 269 21.59 44.31 -14.14
CA LEU A 269 20.92 44.77 -12.93
C LEU A 269 21.93 45.10 -11.83
N ALA A 270 21.40 45.73 -10.76
CA ALA A 270 22.23 45.96 -9.58
C ALA A 270 21.94 44.91 -8.51
N ILE A 271 20.64 44.73 -8.23
CA ILE A 271 20.26 43.72 -7.26
C ILE A 271 19.72 42.47 -7.93
N SER A 272 20.03 41.33 -7.29
CA SER A 272 19.60 40.08 -7.89
C SER A 272 19.72 40.15 -9.41
N PRO A 273 20.95 40.32 -9.92
CA PRO A 273 21.19 40.01 -11.30
C PRO A 273 20.56 38.67 -11.59
N GLY A 274 21.23 37.65 -11.02
CA GLY A 274 20.90 36.27 -11.38
C GLY A 274 19.39 36.01 -11.33
N LYS A 276 18.15 33.12 -10.85
CA LYS A 276 17.93 32.29 -9.69
C LYS A 276 17.60 33.22 -8.52
N THR A 277 18.42 34.24 -8.32
CA THR A 277 18.21 35.20 -7.23
C THR A 277 16.87 35.88 -7.39
N ARG A 278 16.59 36.44 -8.56
CA ARG A 278 15.28 37.07 -8.77
C ARG A 278 14.09 36.13 -8.40
N ILE A 279 14.20 34.85 -8.69
CA ILE A 279 13.13 33.93 -8.32
C ILE A 279 13.10 33.72 -6.82
N ARG A 280 14.25 33.51 -6.20
CA ARG A 280 14.31 33.26 -4.76
C ARG A 280 13.72 34.45 -4.01
N GLY A 282 11.95 36.77 -5.51
CA GLY A 282 10.57 36.69 -5.95
C GLY A 282 10.46 38.03 -6.66
N GLN A 283 11.51 38.32 -7.45
CA GLN A 283 11.61 39.63 -8.10
C GLN A 283 11.03 39.62 -9.52
N TYR A 284 9.76 40.07 -9.62
CA TYR A 284 9.16 40.24 -10.95
C TYR A 284 8.16 41.38 -10.95
N GLU A 285 7.55 41.63 -12.14
CA GLU A 285 6.62 42.74 -12.23
C GLU A 285 5.78 42.68 -13.52
N PHE A 286 4.78 43.58 -13.58
CA PHE A 286 3.90 43.61 -14.76
C PHE A 286 4.12 44.88 -15.59
N PRO A 287 5.27 45.00 -16.25
CA PRO A 287 5.57 46.20 -17.04
C PRO A 287 4.51 46.61 -18.07
N ASN A 288 4.76 47.74 -18.74
CA ASN A 288 3.89 48.14 -19.84
C ASN A 288 4.59 47.95 -21.19
N PRO A 289 3.77 47.95 -22.25
CA PRO A 289 2.34 48.11 -22.12
C PRO A 289 1.61 46.78 -21.90
N GLU A 290 2.38 45.69 -22.06
CA GLU A 290 1.78 44.36 -21.99
C GLU A 290 0.63 44.27 -20.97
N TRP A 291 0.88 44.80 -19.77
CA TRP A 291 -0.08 44.61 -18.69
C TRP A 291 -1.04 45.79 -18.54
N SER A 292 -0.90 46.79 -19.38
CA SER A 292 -1.69 48.01 -19.27
C SER A 292 -3.18 47.89 -18.95
N GLU A 293 -3.90 47.06 -19.67
CA GLU A 293 -5.32 46.94 -19.39
C GLU A 293 -5.70 45.67 -18.66
N VAL A 294 -4.69 44.92 -18.21
CA VAL A 294 -4.96 43.69 -17.49
C VAL A 294 -5.48 44.12 -16.13
N SER A 295 -6.52 43.46 -15.66
CA SER A 295 -7.12 43.83 -14.39
C SER A 295 -6.29 43.53 -13.16
N GLU A 296 -6.48 44.39 -12.16
CA GLU A 296 -5.81 44.23 -10.88
C GLU A 296 -6.22 42.86 -10.40
N GLU A 297 -7.48 42.51 -10.64
CA GLU A 297 -8.00 41.22 -10.25
C GLU A 297 -7.10 40.10 -10.76
N VAL A 298 -6.77 40.12 -12.04
CA VAL A 298 -5.93 39.10 -12.58
C VAL A 298 -4.57 39.17 -11.90
N LYS A 299 -3.93 40.34 -11.95
CA LYS A 299 -2.58 40.50 -11.38
C LYS A 299 -2.46 40.06 -9.92
N LEU A 301 -4.13 37.66 -8.68
CA LEU A 301 -4.18 36.21 -8.75
C LEU A 301 -2.78 35.65 -9.06
N ILE A 302 -2.05 36.32 -9.92
CA ILE A 302 -0.71 35.90 -10.21
C ILE A 302 0.14 36.18 -8.96
N ARG A 303 -0.16 37.28 -8.27
CA ARG A 303 0.60 37.63 -7.06
C ARG A 303 0.43 36.49 -6.04
N ASN A 304 -0.74 35.87 -6.03
CA ASN A 304 -0.92 34.84 -5.05
C ASN A 304 -0.52 33.43 -5.42
N LEU A 305 -0.08 33.24 -6.67
CA LEU A 305 0.36 31.95 -7.14
C LEU A 305 1.86 32.00 -7.13
N LEU A 306 2.40 33.17 -7.49
CA LEU A 306 3.83 33.33 -7.54
C LEU A 306 4.49 33.72 -6.24
N LYS A 307 3.90 33.39 -5.09
CA LYS A 307 4.54 33.77 -3.84
C LYS A 307 5.68 32.80 -3.46
N THR A 308 6.83 33.41 -3.08
CA THR A 308 8.03 32.62 -2.82
C THR A 308 7.81 31.54 -1.76
N GLU A 309 7.06 31.93 -0.71
CA GLU A 309 6.87 31.04 0.42
C GLU A 309 5.87 29.94 0.10
N PRO A 310 6.27 28.75 -0.36
CA PRO A 310 5.25 27.71 -0.63
C PRO A 310 3.93 27.85 0.14
N THR A 311 3.97 27.76 1.46
CA THR A 311 2.74 27.83 2.23
C THR A 311 1.85 29.07 2.08
N GLN A 312 2.39 30.19 1.63
CA GLN A 312 1.55 31.33 1.42
C GLN A 312 0.82 31.15 0.09
N ARG A 313 1.25 30.16 -0.70
CA ARG A 313 0.66 29.98 -2.05
C ARG A 313 -0.74 29.43 -2.12
N THR A 315 -4.01 27.28 -3.01
CA THR A 315 -4.24 25.88 -3.33
C THR A 315 -5.03 25.75 -4.62
N ILE A 316 -5.09 24.54 -5.17
CA ILE A 316 -5.80 24.36 -6.42
C ILE A 316 -7.33 24.52 -6.30
N THR A 317 -7.87 24.35 -5.09
CA THR A 317 -9.31 24.53 -4.92
C THR A 317 -9.61 26.02 -4.88
N GLU A 318 -8.69 26.77 -4.29
CA GLU A 318 -8.86 28.21 -4.24
C GLU A 318 -8.75 28.72 -5.66
N PHE A 319 -7.76 28.24 -6.37
CA PHE A 319 -7.59 28.64 -7.75
C PHE A 319 -8.89 28.39 -8.56
N ASN A 321 -11.91 27.98 -7.58
CA ASN A 321 -13.04 28.79 -7.15
C ASN A 321 -12.85 30.24 -7.36
N HIS A 322 -11.68 30.66 -7.79
CA HIS A 322 -11.49 32.07 -8.03
C HIS A 322 -12.47 32.45 -9.11
N PRO A 323 -13.05 33.64 -9.03
CA PRO A 323 -14.03 34.17 -9.98
C PRO A 323 -13.53 34.28 -11.41
N TRP A 324 -12.26 34.61 -11.57
CA TRP A 324 -11.72 34.79 -12.91
C TRP A 324 -11.67 33.50 -13.68
N ILE A 325 -11.33 32.42 -12.99
CA ILE A 325 -11.27 31.15 -13.68
C ILE A 325 -12.68 30.60 -13.69
N GLN A 327 -15.71 32.31 -13.56
CA GLN A 327 -16.60 33.03 -14.47
C GLN A 327 -15.88 33.35 -15.78
N SER A 328 -15.16 32.39 -16.34
CA SER A 328 -14.42 32.62 -17.58
C SER A 328 -15.31 32.99 -18.76
N THR A 329 -16.49 33.53 -18.49
CA THR A 329 -17.43 33.89 -19.54
C THR A 329 -18.14 35.15 -19.15
N LYS A 330 -17.41 36.02 -18.48
CA LYS A 330 -17.94 37.29 -18.04
C LYS A 330 -16.68 38.14 -17.95
N VAL A 331 -15.57 37.50 -18.26
CA VAL A 331 -14.28 38.16 -18.24
C VAL A 331 -14.11 38.96 -19.52
N PRO A 332 -13.62 40.19 -19.39
CA PRO A 332 -13.35 41.16 -20.45
C PRO A 332 -12.62 40.49 -21.58
N GLN A 333 -13.11 40.69 -22.79
CA GLN A 333 -12.45 40.07 -23.92
C GLN A 333 -11.44 41.07 -24.42
N THR A 334 -10.78 41.71 -23.44
CA THR A 334 -9.74 42.68 -23.72
C THR A 334 -8.57 41.98 -24.38
N PRO A 335 -7.97 42.62 -25.39
CA PRO A 335 -6.83 42.14 -26.18
C PRO A 335 -5.46 42.11 -25.47
N LEU A 336 -4.65 41.10 -25.77
CA LEU A 336 -3.33 40.99 -25.15
C LEU A 336 -2.22 41.03 -26.19
N HIS A 337 -1.00 41.34 -25.76
CA HIS A 337 0.12 41.39 -26.69
C HIS A 337 0.86 40.05 -26.76
N THR A 338 0.21 39.02 -26.23
CA THR A 338 0.77 37.68 -26.17
C THR A 338 1.19 37.19 -27.53
N SER A 339 0.20 37.09 -28.41
CA SER A 339 0.45 36.62 -29.76
C SER A 339 1.58 37.41 -30.39
N ARG A 340 1.44 38.73 -30.42
CA ARG A 340 2.49 39.54 -31.01
C ARG A 340 3.84 39.27 -30.33
N VAL A 341 3.92 39.58 -29.04
CA VAL A 341 5.15 39.40 -28.26
C VAL A 341 5.78 38.03 -28.50
N LEU A 342 4.94 37.00 -28.51
CA LEU A 342 5.40 35.64 -28.71
C LEU A 342 6.19 35.48 -30.01
N LYS A 343 5.67 36.02 -31.11
CA LYS A 343 6.31 35.95 -32.44
C LYS A 343 7.67 36.62 -32.53
N GLU A 344 7.81 37.79 -31.92
CA GLU A 344 9.08 38.49 -31.94
C GLU A 344 10.03 37.79 -30.96
N ASP A 345 9.44 37.01 -30.05
CA ASP A 345 10.19 36.28 -29.03
C ASP A 345 10.59 37.24 -27.92
N PRO B 44 16.38 1.13 -36.47
CA PRO B 44 15.77 -0.19 -36.52
C PRO B 44 15.57 -0.78 -35.12
N GLN B 45 14.29 -0.93 -34.73
CA GLN B 45 13.97 -1.57 -33.48
C GLN B 45 13.85 -3.08 -33.65
N PHE B 46 14.85 -3.79 -33.09
CA PHE B 46 14.87 -5.23 -33.24
C PHE B 46 15.44 -5.91 -32.00
N HIS B 47 16.46 -5.28 -31.37
CA HIS B 47 17.01 -5.88 -30.16
C HIS B 47 15.99 -5.81 -29.02
N VAL B 48 14.75 -5.90 -29.49
CA VAL B 48 13.54 -5.78 -28.70
C VAL B 48 12.86 -7.11 -28.51
N LYS B 49 13.10 -7.74 -27.38
CA LYS B 49 12.52 -9.03 -27.05
C LYS B 49 11.39 -8.86 -26.05
N SER B 50 10.47 -9.78 -26.08
CA SER B 50 9.34 -9.69 -25.16
C SER B 50 9.70 -10.13 -23.76
N GLY B 51 8.85 -9.73 -22.83
CA GLY B 51 9.05 -10.11 -21.47
C GLY B 51 8.43 -11.47 -21.28
N LEU B 52 8.62 -11.98 -20.08
CA LEU B 52 8.09 -13.28 -19.68
C LEU B 52 6.79 -13.16 -18.89
N GLN B 53 5.67 -13.58 -19.46
CA GLN B 53 4.42 -13.50 -18.72
C GLN B 53 4.26 -14.83 -18.01
N ILE B 54 4.25 -14.80 -16.71
CA ILE B 54 4.10 -16.02 -15.93
C ILE B 54 2.64 -16.54 -15.93
N LYS B 55 2.43 -17.80 -16.18
CA LYS B 55 1.06 -18.33 -16.18
C LYS B 55 0.66 -18.81 -14.83
N LYS B 56 -0.59 -18.53 -14.47
CA LYS B 56 -1.12 -18.95 -13.17
C LYS B 56 -1.91 -20.24 -13.20
N ASN B 57 -2.36 -20.67 -14.37
CA ASN B 57 -3.11 -21.89 -14.44
C ASN B 57 -2.29 -23.12 -14.12
N ALA B 58 -2.97 -24.15 -13.63
CA ALA B 58 -2.37 -25.41 -13.22
C ALA B 58 -1.56 -26.02 -14.35
N ILE B 59 -0.27 -26.29 -14.06
CA ILE B 59 0.62 -26.78 -15.10
C ILE B 59 0.07 -28.04 -15.78
N ILE B 60 -0.61 -28.88 -14.97
CA ILE B 60 -1.18 -30.11 -15.53
C ILE B 60 -2.28 -29.82 -16.55
N ASP B 61 -2.89 -28.64 -16.58
CA ASP B 61 -3.85 -28.37 -17.65
C ASP B 61 -3.20 -28.30 -19.03
N ASP B 62 -1.85 -28.39 -18.99
CA ASP B 62 -1.13 -28.27 -20.24
C ASP B 62 -0.05 -29.36 -20.55
N TYR B 63 0.36 -30.02 -19.49
CA TYR B 63 1.37 -31.06 -19.60
C TYR B 63 1.04 -32.24 -18.70
N LYS B 64 1.60 -33.39 -19.06
CA LYS B 64 1.70 -34.57 -18.19
C LYS B 64 3.01 -34.58 -17.40
N VAL B 65 2.88 -34.28 -16.09
CA VAL B 65 4.09 -34.28 -15.25
C VAL B 65 4.41 -35.66 -14.70
N THR B 66 5.18 -36.43 -15.48
CA THR B 66 5.62 -37.74 -15.01
C THR B 66 6.35 -37.63 -13.67
N SER B 67 6.93 -38.75 -13.22
CA SER B 67 7.64 -38.72 -11.94
C SER B 67 9.12 -39.10 -12.08
N GLN B 68 9.56 -39.32 -13.34
CA GLN B 68 10.98 -39.56 -13.51
C GLN B 68 11.77 -38.25 -13.47
N VAL B 69 12.54 -38.09 -12.38
CA VAL B 69 13.38 -36.90 -12.27
C VAL B 69 14.62 -37.02 -13.17
N LEU B 70 14.90 -35.93 -13.89
CA LEU B 70 16.09 -35.85 -14.71
C LEU B 70 17.26 -35.52 -13.80
N GLY B 71 17.03 -34.71 -12.80
CA GLY B 71 18.13 -34.40 -11.93
C GLY B 71 17.79 -33.43 -10.82
N LEU B 72 18.81 -33.02 -10.10
CA LEU B 72 18.67 -32.06 -9.03
C LEU B 72 19.51 -30.86 -9.44
N GLY B 73 18.87 -29.70 -9.60
CA GLY B 73 19.59 -28.49 -9.96
C GLY B 73 19.67 -27.57 -8.76
N ILE B 74 20.42 -26.49 -8.94
CA ILE B 74 20.55 -25.53 -7.87
C ILE B 74 19.15 -25.09 -7.39
N ASN B 75 18.80 -25.54 -6.20
CA ASN B 75 17.52 -25.18 -5.60
C ASN B 75 16.29 -25.87 -6.19
N GLY B 76 16.45 -26.94 -6.95
CA GLY B 76 15.27 -27.60 -7.50
C GLY B 76 15.47 -28.83 -8.39
N LYS B 77 14.56 -29.78 -8.23
CA LYS B 77 14.58 -31.00 -9.01
C LYS B 77 14.07 -30.71 -10.42
N VAL B 78 14.51 -31.50 -11.38
CA VAL B 78 14.07 -31.33 -12.76
C VAL B 78 13.39 -32.61 -13.24
N LEU B 79 12.12 -32.47 -13.64
CA LEU B 79 11.31 -33.60 -14.11
C LEU B 79 11.04 -33.64 -15.61
N GLN B 80 10.67 -34.81 -16.12
CA GLN B 80 10.34 -34.89 -17.54
C GLN B 80 8.82 -34.65 -17.62
N ILE B 81 8.37 -34.01 -18.68
CA ILE B 81 6.93 -33.77 -18.84
C ILE B 81 6.57 -33.76 -20.33
N PHE B 82 5.28 -33.79 -20.65
CA PHE B 82 4.87 -33.77 -22.06
C PHE B 82 3.73 -32.84 -22.33
N ASN B 83 3.74 -32.24 -23.52
CA ASN B 83 2.69 -31.32 -23.92
C ASN B 83 1.50 -32.17 -24.29
N LYS B 84 0.46 -32.10 -23.48
CA LYS B 84 -0.73 -32.88 -23.73
C LYS B 84 -1.19 -32.88 -25.19
N ARG B 85 -1.23 -31.72 -25.85
CA ARG B 85 -1.63 -31.56 -27.23
C ARG B 85 -0.65 -32.22 -28.20
N THR B 86 0.64 -31.84 -28.10
CA THR B 86 1.63 -32.35 -29.05
C THR B 86 2.21 -33.69 -28.59
N GLN B 87 2.48 -33.80 -27.28
CA GLN B 87 2.98 -35.06 -26.75
C GLN B 87 4.51 -35.10 -26.71
N GLU B 88 5.12 -33.98 -27.11
CA GLU B 88 6.58 -33.92 -27.11
C GLU B 88 7.13 -33.49 -25.75
N LYS B 89 8.36 -33.92 -25.44
CA LYS B 89 8.82 -33.74 -24.06
C LYS B 89 9.75 -32.56 -23.70
N PHE B 90 9.47 -32.00 -22.54
CA PHE B 90 10.23 -30.87 -22.02
C PHE B 90 10.72 -31.21 -20.62
N ALA B 91 11.65 -30.41 -20.11
CA ALA B 91 12.13 -30.62 -18.76
C ALA B 91 11.43 -29.58 -17.93
N LEU B 92 11.27 -29.83 -16.65
CA LEU B 92 10.58 -28.88 -15.81
C LEU B 92 11.33 -28.75 -14.53
N LYS B 93 11.68 -27.51 -14.18
CA LYS B 93 12.38 -27.25 -12.95
C LYS B 93 11.39 -26.67 -11.98
N LEU B 95 10.84 -24.74 -8.42
CA LEU B 95 11.45 -23.94 -7.41
C LEU B 95 10.34 -23.48 -6.49
N GLN B 96 10.66 -23.34 -5.21
CA GLN B 96 9.71 -22.80 -4.28
C GLN B 96 9.78 -21.30 -4.60
N ASP B 97 8.63 -20.64 -4.65
CA ASP B 97 8.63 -19.23 -5.00
C ASP B 97 9.32 -18.36 -3.93
N CYS B 98 10.22 -17.49 -4.41
CA CYS B 98 10.90 -16.57 -3.51
C CYS B 98 11.81 -15.61 -4.27
N PRO B 99 12.40 -14.66 -3.53
CA PRO B 99 13.30 -13.67 -4.12
C PRO B 99 14.35 -14.33 -5.01
N LYS B 100 15.08 -15.30 -4.42
CA LYS B 100 16.14 -15.97 -5.17
C LYS B 100 15.59 -16.67 -6.42
N ALA B 101 14.58 -17.51 -6.31
CA ALA B 101 14.00 -18.18 -7.47
C ALA B 101 13.50 -17.19 -8.47
N ARG B 102 12.94 -16.08 -8.01
CA ARG B 102 12.45 -15.11 -8.96
C ARG B 102 13.59 -14.44 -9.67
N ARG B 103 14.77 -14.53 -9.07
CA ARG B 103 15.96 -13.96 -9.64
C ARG B 103 16.39 -14.89 -10.74
N GLU B 104 16.31 -16.17 -10.50
CA GLU B 104 16.74 -17.11 -11.51
C GLU B 104 15.88 -17.00 -12.77
N VAL B 105 14.55 -17.00 -12.60
CA VAL B 105 13.67 -16.98 -13.75
C VAL B 105 13.92 -15.82 -14.60
N GLU B 106 13.97 -14.67 -13.96
CA GLU B 106 14.23 -13.43 -14.65
C GLU B 106 15.54 -13.46 -15.39
N LEU B 107 16.61 -13.91 -14.75
CA LEU B 107 17.89 -13.93 -15.42
C LEU B 107 17.91 -15.00 -16.49
N HIS B 108 17.32 -16.16 -16.20
CA HIS B 108 17.33 -17.21 -17.19
C HIS B 108 16.51 -16.71 -18.36
N TRP B 109 15.38 -16.05 -18.09
CA TRP B 109 14.58 -15.54 -19.18
C TRP B 109 15.44 -14.69 -20.14
N ARG B 110 16.07 -13.64 -19.64
CA ARG B 110 16.90 -12.79 -20.50
C ARG B 110 18.02 -13.55 -21.23
N ALA B 111 18.74 -14.40 -20.52
CA ALA B 111 19.83 -15.14 -21.16
C ALA B 111 19.28 -15.95 -22.32
N SER B 112 17.98 -16.23 -22.26
CA SER B 112 17.30 -17.01 -23.28
C SER B 112 17.35 -16.46 -24.68
N GLN B 113 17.60 -15.17 -24.83
CA GLN B 113 17.69 -14.66 -26.19
C GLN B 113 18.74 -15.53 -26.90
N CYS B 114 19.90 -15.72 -26.28
CA CYS B 114 20.96 -16.49 -26.86
C CYS B 114 20.59 -17.93 -27.06
N PRO B 115 20.65 -18.42 -28.30
CA PRO B 115 20.30 -19.80 -28.63
C PRO B 115 21.27 -20.81 -28.03
N HIS B 116 22.28 -20.34 -27.33
CA HIS B 116 23.22 -21.30 -26.76
C HIS B 116 22.92 -21.55 -25.30
N ILE B 117 21.78 -20.98 -24.92
CA ILE B 117 21.30 -21.09 -23.59
C ILE B 117 19.96 -21.74 -23.69
N VAL B 118 19.74 -22.75 -22.88
CA VAL B 118 18.52 -23.51 -22.91
C VAL B 118 17.27 -22.66 -22.90
N ARG B 119 16.36 -22.99 -23.81
CA ARG B 119 15.10 -22.28 -23.95
C ARG B 119 14.09 -22.53 -22.84
N ILE B 120 13.43 -21.44 -22.45
CA ILE B 120 12.38 -21.44 -21.45
C ILE B 120 11.09 -21.36 -22.24
N VAL B 121 10.31 -22.42 -22.23
CA VAL B 121 9.05 -22.47 -22.93
C VAL B 121 7.97 -21.71 -22.17
N ASP B 122 7.92 -21.90 -20.86
CA ASP B 122 6.91 -21.27 -20.01
C ASP B 122 7.35 -21.29 -18.54
N VAL B 123 6.82 -20.36 -17.76
CA VAL B 123 7.07 -20.35 -16.35
C VAL B 123 5.68 -20.27 -15.72
N TYR B 124 5.42 -21.14 -14.76
CA TYR B 124 4.13 -21.21 -14.09
C TYR B 124 4.20 -20.88 -12.62
N GLU B 125 3.24 -20.10 -12.15
CA GLU B 125 3.16 -19.81 -10.74
C GLU B 125 2.00 -20.68 -10.29
N ASN B 126 2.30 -21.80 -9.65
CA ASN B 126 1.23 -22.66 -9.19
C ASN B 126 1.38 -22.93 -7.70
N LEU B 127 0.32 -23.52 -7.19
CA LEU B 127 0.27 -23.91 -5.81
C LEU B 127 0.50 -25.41 -5.84
N TYR B 128 1.49 -25.87 -5.08
CA TYR B 128 1.80 -27.29 -5.00
C TYR B 128 1.94 -27.59 -3.54
N ALA B 129 1.06 -28.44 -3.02
CA ALA B 129 1.11 -28.77 -1.60
C ALA B 129 0.90 -27.53 -0.73
N GLY B 130 -0.01 -26.65 -1.13
CA GLY B 130 -0.24 -25.44 -0.36
C GLY B 130 0.87 -24.39 -0.40
N ARG B 131 1.97 -24.71 -1.10
CA ARG B 131 3.12 -23.80 -1.22
C ARG B 131 3.20 -23.17 -2.59
N LYS B 132 3.55 -21.89 -2.62
CA LYS B 132 3.69 -21.21 -3.90
C LYS B 132 5.01 -21.69 -4.51
N CYS B 133 5.03 -21.97 -5.81
CA CYS B 133 6.25 -22.41 -6.45
C CYS B 133 6.29 -21.96 -7.91
N LEU B 134 7.49 -21.92 -8.48
CA LEU B 134 7.76 -21.53 -9.87
C LEU B 134 8.14 -22.76 -10.66
N LEU B 135 7.41 -23.04 -11.74
CA LEU B 135 7.66 -24.19 -12.57
C LEU B 135 8.19 -23.66 -13.88
N ILE B 136 9.44 -23.95 -14.18
CA ILE B 136 10.11 -23.48 -15.38
C ILE B 136 10.09 -24.57 -16.42
N VAL B 137 9.30 -24.38 -17.48
CA VAL B 137 9.26 -25.39 -18.54
C VAL B 137 10.39 -25.13 -19.51
N GLU B 139 13.04 -26.54 -22.92
CA GLU B 139 13.25 -27.42 -24.06
C GLU B 139 14.04 -28.66 -23.60
N CYS B 140 13.83 -29.78 -24.26
CA CYS B 140 14.53 -30.99 -23.89
C CYS B 140 15.89 -30.99 -24.59
N LEU B 141 16.92 -31.43 -23.88
CA LEU B 141 18.24 -31.53 -24.47
C LEU B 141 18.64 -32.98 -24.28
N ASP B 142 18.49 -33.77 -25.33
CA ASP B 142 18.79 -35.18 -25.20
C ASP B 142 20.09 -35.65 -25.75
N GLY B 143 20.96 -34.75 -26.20
CA GLY B 143 22.21 -35.20 -26.75
C GLY B 143 23.29 -35.60 -25.77
N GLY B 144 23.00 -35.56 -24.49
CA GLY B 144 24.04 -35.90 -23.53
C GLY B 144 24.83 -34.68 -23.10
N GLU B 145 25.66 -34.83 -22.08
CA GLU B 145 26.44 -33.69 -21.64
C GLU B 145 27.74 -33.71 -22.39
N LEU B 146 28.29 -32.53 -22.65
CA LEU B 146 29.54 -32.39 -23.37
C LEU B 146 30.46 -33.60 -23.39
N PHE B 147 31.14 -33.84 -22.30
CA PHE B 147 32.08 -34.93 -22.23
C PHE B 147 31.60 -36.34 -22.53
N SER B 148 30.36 -36.64 -22.16
CA SER B 148 29.82 -37.96 -22.48
C SER B 148 29.90 -38.04 -23.98
N ARG B 149 29.31 -37.07 -24.67
CA ARG B 149 29.36 -37.06 -26.13
C ARG B 149 30.79 -37.35 -26.59
N ILE B 150 31.76 -36.61 -26.06
CA ILE B 150 33.16 -36.83 -26.44
C ILE B 150 33.52 -38.26 -26.11
N GLN B 151 33.17 -38.70 -24.92
CA GLN B 151 33.48 -40.06 -24.51
C GLN B 151 32.80 -41.18 -25.31
N ASP B 152 31.46 -41.21 -25.29
CA ASP B 152 30.70 -42.22 -26.01
C ASP B 152 31.38 -42.50 -27.34
N ARG B 153 31.94 -41.45 -27.93
CA ARG B 153 32.67 -41.63 -29.16
C ARG B 153 33.73 -42.72 -29.07
N GLY B 154 33.95 -43.31 -30.24
CA GLY B 154 34.93 -44.34 -30.45
C GLY B 154 35.22 -44.32 -31.93
N ASP B 155 34.63 -43.28 -32.55
CA ASP B 155 34.85 -43.02 -33.96
C ASP B 155 36.19 -42.33 -34.15
N GLN B 156 37.23 -42.97 -33.58
CA GLN B 156 38.58 -42.50 -33.82
C GLN B 156 38.77 -41.00 -33.51
N ALA B 157 39.33 -40.31 -34.51
CA ALA B 157 39.91 -38.99 -34.29
C ALA B 157 38.96 -37.98 -33.62
N PHE B 158 39.44 -37.46 -32.48
CA PHE B 158 38.79 -36.30 -31.88
C PHE B 158 39.73 -35.10 -31.92
N THR B 159 39.55 -34.03 -32.68
CA THR B 159 40.68 -33.16 -32.97
C THR B 159 40.69 -31.78 -32.34
N GLU B 160 41.88 -31.20 -32.27
CA GLU B 160 42.11 -29.87 -31.70
C GLU B 160 41.19 -28.86 -32.35
N ARG B 161 40.70 -29.23 -33.54
CA ARG B 161 39.81 -28.39 -34.31
C ARG B 161 38.38 -28.40 -33.83
N GLU B 162 37.87 -29.56 -33.43
CA GLU B 162 36.50 -29.60 -32.94
C GLU B 162 36.52 -29.12 -31.49
N ALA B 163 37.68 -29.20 -30.83
CA ALA B 163 37.80 -28.72 -29.46
C ALA B 163 37.52 -27.22 -29.52
N SER B 164 38.21 -26.55 -30.43
CA SER B 164 38.02 -25.14 -30.65
C SER B 164 36.60 -24.91 -31.10
N GLU B 165 36.07 -25.77 -31.96
CA GLU B 165 34.71 -25.54 -32.42
C GLU B 165 33.78 -25.53 -31.22
N ILE B 166 34.03 -26.44 -30.29
CA ILE B 166 33.21 -26.54 -29.09
C ILE B 166 33.45 -25.34 -28.21
N LYS B 168 34.36 -22.47 -28.83
CA LYS B 168 33.72 -21.28 -29.33
C LYS B 168 32.23 -21.30 -29.04
N SER B 169 31.62 -22.47 -29.10
CA SER B 169 30.18 -22.49 -28.85
C SER B 169 29.86 -22.14 -27.40
N ILE B 170 30.62 -22.72 -26.45
CA ILE B 170 30.42 -22.43 -25.02
C ILE B 170 30.69 -20.94 -24.84
N GLY B 171 31.73 -20.45 -25.54
CA GLY B 171 32.10 -19.06 -25.50
C GLY B 171 30.96 -18.16 -25.91
N GLU B 172 30.14 -18.58 -26.88
CA GLU B 172 29.01 -17.76 -27.33
C GLU B 172 27.96 -17.57 -26.25
N ALA B 173 27.77 -18.60 -25.42
CA ALA B 173 26.79 -18.44 -24.36
C ALA B 173 27.35 -17.42 -23.37
N ILE B 174 28.62 -17.54 -23.01
CA ILE B 174 29.19 -16.62 -22.05
C ILE B 174 29.28 -15.16 -22.53
N GLN B 175 29.60 -14.92 -23.79
CA GLN B 175 29.71 -13.57 -24.24
C GLN B 175 28.40 -12.86 -24.17
N TYR B 176 27.31 -13.61 -24.36
CA TYR B 176 25.99 -12.98 -24.33
C TYR B 176 25.56 -12.65 -22.90
N LEU B 177 25.90 -13.52 -21.97
CA LEU B 177 25.52 -13.29 -20.61
C LEU B 177 26.23 -12.06 -20.13
N HIS B 178 27.56 -12.04 -20.26
CA HIS B 178 28.37 -10.89 -19.85
C HIS B 178 27.95 -9.59 -20.57
N SER B 179 27.53 -9.67 -21.82
CA SER B 179 27.08 -8.47 -22.47
C SER B 179 25.82 -7.95 -21.83
N ILE B 180 25.07 -8.79 -21.11
CA ILE B 180 23.86 -8.28 -20.49
C ILE B 180 24.00 -8.38 -19.00
N ASN B 181 25.24 -8.21 -18.57
CA ASN B 181 25.59 -8.21 -17.17
C ASN B 181 25.12 -9.30 -16.21
N ILE B 182 25.20 -10.52 -16.70
CA ILE B 182 24.88 -11.68 -15.92
C ILE B 182 26.14 -12.58 -15.83
N ALA B 183 26.38 -13.10 -14.64
CA ALA B 183 27.46 -14.04 -14.42
C ALA B 183 26.77 -15.38 -14.12
N HIS B 184 27.05 -16.40 -14.91
CA HIS B 184 26.42 -17.68 -14.67
C HIS B 184 26.89 -18.19 -13.33
N ARG B 185 28.20 -18.11 -13.10
CA ARG B 185 28.79 -18.52 -11.86
C ARG B 185 28.73 -20.00 -11.55
N ASP B 186 28.17 -20.80 -12.45
CA ASP B 186 28.20 -22.23 -12.23
C ASP B 186 28.43 -22.94 -13.55
N VAL B 187 29.40 -22.46 -14.31
CA VAL B 187 29.72 -23.07 -15.59
C VAL B 187 30.67 -24.23 -15.41
N LYS B 188 30.10 -25.42 -15.33
CA LYS B 188 30.88 -26.64 -15.20
C LYS B 188 30.44 -27.49 -16.39
N PRO B 189 31.22 -28.53 -16.71
CA PRO B 189 30.96 -29.45 -17.81
C PRO B 189 29.58 -30.00 -17.81
N GLU B 190 29.19 -30.55 -16.67
CA GLU B 190 27.90 -31.17 -16.47
C GLU B 190 26.69 -30.29 -16.80
N ASN B 191 26.88 -28.97 -16.90
CA ASN B 191 25.81 -28.03 -17.21
C ASN B 191 25.74 -27.68 -18.68
N LEU B 192 26.52 -28.38 -19.50
CA LEU B 192 26.51 -28.17 -20.94
C LEU B 192 25.90 -29.42 -21.62
N LEU B 193 24.62 -29.34 -21.98
CA LEU B 193 23.93 -30.46 -22.63
C LEU B 193 23.70 -30.24 -24.10
N TYR B 194 23.74 -31.33 -24.87
CA TYR B 194 23.48 -31.29 -26.33
C TYR B 194 21.98 -31.34 -26.62
N THR B 195 21.53 -30.60 -27.64
CA THR B 195 20.11 -30.59 -28.00
C THR B 195 19.67 -31.95 -28.41
N SER B 196 20.49 -32.63 -29.18
CA SER B 196 20.16 -33.96 -29.63
C SER B 196 21.44 -34.73 -29.82
N LYS B 197 21.37 -35.92 -30.40
CA LYS B 197 22.62 -36.66 -30.58
C LYS B 197 23.08 -36.59 -32.01
N ARG B 198 22.38 -35.87 -32.88
CA ARG B 198 22.91 -35.88 -34.21
C ARG B 198 23.83 -34.74 -34.60
N PRO B 199 24.57 -34.94 -35.70
CA PRO B 199 25.53 -33.97 -36.22
C PRO B 199 25.19 -32.56 -35.93
N ASN B 200 24.04 -32.08 -36.37
CA ASN B 200 23.76 -30.66 -36.16
C ASN B 200 23.39 -30.23 -34.73
N ALA B 201 23.66 -31.04 -33.71
CA ALA B 201 23.27 -30.63 -32.38
C ALA B 201 24.04 -29.42 -31.89
N ILE B 202 23.38 -28.58 -31.13
CA ILE B 202 23.99 -27.40 -30.56
C ILE B 202 24.08 -27.53 -29.03
N LEU B 203 25.24 -27.21 -28.44
CA LEU B 203 25.48 -27.28 -26.97
C LEU B 203 24.79 -26.15 -26.26
N LYS B 204 24.18 -26.42 -25.11
CA LYS B 204 23.50 -25.38 -24.41
C LYS B 204 23.79 -25.25 -22.90
N LEU B 205 23.93 -24.01 -22.38
CA LEU B 205 24.18 -23.78 -20.95
C LEU B 205 22.84 -23.90 -20.29
N THR B 206 22.84 -24.54 -19.12
CA THR B 206 21.63 -24.75 -18.33
C THR B 206 21.88 -24.26 -16.89
N ASP B 207 20.84 -24.37 -16.07
CA ASP B 207 20.85 -23.97 -14.66
C ASP B 207 21.32 -22.59 -14.29
N PHE B 208 20.38 -21.70 -13.99
CA PHE B 208 20.75 -20.35 -13.58
C PHE B 208 20.60 -20.09 -12.06
N GLY B 209 20.59 -21.16 -11.28
CA GLY B 209 20.48 -21.06 -9.84
C GLY B 209 21.52 -20.24 -9.09
N PHE B 210 22.63 -19.88 -9.71
CA PHE B 210 23.65 -19.08 -9.04
C PHE B 210 23.91 -17.81 -9.86
N ALA B 211 23.23 -17.68 -11.01
CA ALA B 211 23.41 -16.53 -11.86
C ALA B 211 23.23 -15.25 -11.07
N LYS B 212 24.05 -14.26 -11.40
CA LYS B 212 24.00 -12.96 -10.75
C LYS B 212 24.07 -11.78 -11.73
N GLU B 213 23.26 -10.75 -11.47
CA GLU B 213 23.26 -9.51 -12.25
C GLU B 213 24.50 -8.72 -11.85
N THR B 214 25.53 -8.67 -12.67
CA THR B 214 26.72 -7.95 -12.20
C THR B 214 26.47 -6.44 -12.07
N THR B 215 25.27 -6.00 -12.46
CA THR B 215 24.94 -4.59 -12.29
C THR B 215 23.50 -4.40 -11.81
N PRO B 227 29.39 9.84 -23.78
CA PRO B 227 30.79 10.34 -23.92
C PRO B 227 31.68 9.19 -24.42
N TYR B 228 32.14 9.34 -25.66
CA TYR B 228 32.97 8.34 -26.30
C TYR B 228 34.30 8.03 -25.62
N TYR B 229 34.81 8.90 -24.77
CA TYR B 229 36.11 8.65 -24.17
C TYR B 229 36.14 8.24 -22.70
N VAL B 230 34.96 8.02 -22.11
CA VAL B 230 34.83 7.60 -20.70
C VAL B 230 35.28 6.14 -20.55
N ALA B 231 36.00 5.84 -19.45
CA ALA B 231 36.53 4.50 -19.15
C ALA B 231 35.50 3.60 -18.52
N PRO B 232 35.47 2.33 -18.94
CA PRO B 232 34.54 1.34 -18.44
C PRO B 232 34.18 1.46 -16.99
N GLU B 233 35.20 1.53 -16.15
CA GLU B 233 35.02 1.64 -14.71
C GLU B 233 34.28 2.91 -14.32
N VAL B 234 34.48 3.97 -15.08
CA VAL B 234 33.71 5.17 -14.75
C VAL B 234 32.27 5.08 -15.27
N LEU B 235 31.86 3.84 -15.60
CA LEU B 235 30.48 3.65 -16.07
C LEU B 235 29.68 2.79 -15.10
N GLY B 236 30.41 2.18 -14.15
CA GLY B 236 29.76 1.31 -13.17
C GLY B 236 30.74 0.30 -12.59
N PRO B 237 30.90 0.35 -11.26
CA PRO B 237 31.84 -0.51 -10.56
C PRO B 237 31.93 -1.89 -11.20
N GLU B 238 30.90 -2.66 -10.79
CA GLU B 238 30.88 -4.07 -11.14
C GLU B 238 32.11 -4.78 -10.59
N LYS B 239 31.86 -5.78 -9.73
CA LYS B 239 32.99 -6.46 -9.12
C LYS B 239 33.70 -7.36 -10.12
N TYR B 240 33.90 -8.63 -9.71
CA TYR B 240 34.47 -9.61 -10.61
C TYR B 240 33.69 -10.93 -10.51
N ASP B 241 32.47 -10.92 -11.07
CA ASP B 241 31.71 -12.17 -11.13
C ASP B 241 31.94 -12.90 -12.46
N LYS B 242 31.92 -12.10 -13.52
CA LYS B 242 32.12 -12.63 -14.86
C LYS B 242 33.43 -13.40 -14.83
N SER B 243 34.35 -12.92 -14.01
CA SER B 243 35.66 -13.50 -13.88
C SER B 243 35.67 -14.97 -13.64
N CYS B 244 34.75 -15.47 -12.83
CA CYS B 244 34.83 -16.88 -12.54
C CYS B 244 34.38 -17.72 -13.68
N ASP B 245 33.49 -17.19 -14.52
CA ASP B 245 33.06 -17.93 -15.73
C ASP B 245 34.32 -18.12 -16.59
N TRP B 247 37.36 -18.44 -15.59
CA TRP B 247 38.17 -19.53 -15.05
C TRP B 247 37.56 -20.90 -15.39
N SER B 248 36.23 -20.98 -15.30
CA SER B 248 35.55 -22.21 -15.69
C SER B 248 35.89 -22.59 -17.12
N LEU B 249 35.79 -21.58 -18.01
CA LEU B 249 36.11 -21.80 -19.42
C LEU B 249 37.46 -22.50 -19.60
N GLY B 250 38.42 -22.08 -18.77
CA GLY B 250 39.75 -22.64 -18.83
C GLY B 250 39.81 -24.07 -18.33
N VAL B 251 39.07 -24.35 -17.27
CA VAL B 251 39.07 -25.69 -16.75
C VAL B 251 38.53 -26.60 -17.83
N ILE B 252 37.48 -26.13 -18.51
CA ILE B 252 36.82 -26.89 -19.56
C ILE B 252 37.69 -27.09 -20.80
N TYR B 254 40.87 -27.07 -20.98
CA TYR B 254 41.88 -27.98 -20.52
C TYR B 254 41.41 -29.42 -20.63
N ILE B 255 40.28 -29.75 -20.02
CA ILE B 255 39.80 -31.11 -20.05
C ILE B 255 39.46 -31.53 -21.47
N LEU B 256 38.68 -30.70 -22.13
CA LEU B 256 38.33 -30.94 -23.50
C LEU B 256 39.58 -31.42 -24.21
N LEU B 257 40.72 -30.79 -23.94
CA LEU B 257 41.98 -31.12 -24.61
C LEU B 257 42.87 -32.29 -24.20
N CYS B 258 42.57 -33.03 -23.14
CA CYS B 258 43.45 -34.13 -22.71
C CYS B 258 42.76 -35.22 -21.89
N GLY B 259 41.49 -35.00 -21.53
CA GLY B 259 40.74 -35.99 -20.76
C GLY B 259 40.75 -35.92 -19.25
N TYR B 260 41.52 -34.98 -18.67
CA TYR B 260 41.53 -34.84 -17.22
C TYR B 260 41.56 -33.40 -16.80
N PRO B 261 41.21 -33.11 -15.55
CA PRO B 261 41.19 -31.73 -15.09
C PRO B 261 42.57 -31.18 -14.73
N PRO B 262 42.76 -29.85 -14.82
CA PRO B 262 44.07 -29.32 -14.47
C PRO B 262 44.30 -29.42 -12.97
N PHE B 263 43.25 -29.34 -12.18
CA PHE B 263 43.46 -29.49 -10.74
C PHE B 263 42.57 -30.64 -10.32
N TYR B 264 43.08 -31.48 -9.45
CA TYR B 264 42.35 -32.57 -8.85
C TYR B 264 43.12 -33.21 -7.70
N SER B 265 42.53 -34.27 -7.13
CA SER B 265 43.21 -34.97 -6.05
C SER B 265 43.85 -36.27 -6.56
N GLY B 274 45.32 -29.81 -0.31
CA GLY B 274 45.63 -30.69 -1.42
C GLY B 274 45.30 -30.01 -2.72
N LYS B 276 42.90 -27.67 -3.08
CA LYS B 276 42.69 -26.25 -2.86
C LYS B 276 44.01 -25.49 -2.98
N THR B 277 45.06 -25.97 -2.32
CA THR B 277 46.34 -25.27 -2.37
C THR B 277 46.76 -25.15 -3.81
N ARG B 278 46.77 -26.29 -4.50
CA ARG B 278 47.13 -26.30 -5.91
C ARG B 278 46.24 -25.32 -6.71
N ILE B 279 44.97 -25.18 -6.34
CA ILE B 279 44.17 -24.16 -7.02
C ILE B 279 44.58 -22.76 -6.58
N ARG B 280 44.41 -22.49 -5.28
CA ARG B 280 44.84 -21.20 -4.76
C ARG B 280 46.18 -20.79 -5.36
N GLY B 282 47.46 -22.27 -8.03
CA GLY B 282 47.34 -22.31 -9.48
C GLY B 282 48.47 -23.12 -10.13
N GLN B 283 48.86 -24.21 -9.44
CA GLN B 283 49.86 -25.08 -10.05
C GLN B 283 49.21 -26.30 -10.69
N TYR B 284 49.14 -26.22 -12.02
CA TYR B 284 48.75 -27.38 -12.82
C TYR B 284 49.86 -27.62 -13.85
N GLU B 285 49.56 -28.43 -14.88
CA GLU B 285 50.58 -28.58 -15.90
C GLU B 285 50.13 -29.40 -17.11
N PHE B 286 50.96 -29.30 -18.16
CA PHE B 286 50.62 -29.91 -19.44
C PHE B 286 51.43 -31.17 -19.72
N PRO B 287 51.05 -32.26 -19.01
CA PRO B 287 51.80 -33.51 -19.06
C PRO B 287 51.78 -34.18 -20.44
N ASN B 288 52.77 -35.08 -20.62
CA ASN B 288 52.82 -35.91 -21.82
C ASN B 288 52.20 -37.29 -21.56
N PRO B 289 51.63 -37.89 -22.62
CA PRO B 289 51.75 -37.36 -23.97
C PRO B 289 50.66 -36.32 -24.28
N GLU B 290 49.51 -36.49 -23.62
CA GLU B 290 48.35 -35.67 -23.96
C GLU B 290 48.72 -34.35 -24.63
N TRP B 291 49.59 -33.58 -23.95
CA TRP B 291 49.84 -32.21 -24.41
C TRP B 291 51.02 -32.11 -25.38
N SER B 292 51.78 -33.19 -25.44
CA SER B 292 52.98 -33.27 -26.27
C SER B 292 52.80 -32.61 -27.62
N GLU B 293 51.82 -33.08 -28.36
CA GLU B 293 51.58 -32.54 -29.68
C GLU B 293 50.58 -31.40 -29.70
N VAL B 294 50.34 -30.81 -28.53
CA VAL B 294 49.39 -29.68 -28.46
C VAL B 294 50.04 -28.30 -28.61
N SER B 295 49.43 -27.46 -29.44
CA SER B 295 49.97 -26.13 -29.71
C SER B 295 50.38 -25.37 -28.46
N GLU B 296 51.38 -24.53 -28.60
CA GLU B 296 51.83 -23.77 -27.45
C GLU B 296 50.92 -22.59 -27.32
N GLU B 297 50.20 -22.25 -28.40
CA GLU B 297 49.30 -21.09 -28.36
C GLU B 297 47.96 -21.39 -27.68
N VAL B 298 47.69 -22.67 -27.55
CA VAL B 298 46.51 -23.16 -26.91
C VAL B 298 46.85 -23.21 -25.42
N LYS B 299 48.05 -23.70 -25.11
CA LYS B 299 48.52 -23.78 -23.74
C LYS B 299 48.57 -22.39 -23.11
N LEU B 301 46.80 -20.05 -24.06
CA LEU B 301 45.40 -19.64 -23.98
C LEU B 301 44.78 -20.12 -22.65
N ILE B 302 45.13 -21.32 -22.24
CA ILE B 302 44.62 -21.82 -21.00
C ILE B 302 45.32 -21.11 -19.86
N ARG B 303 46.57 -20.73 -20.07
CA ARG B 303 47.35 -20.05 -19.04
C ARG B 303 46.81 -18.70 -18.66
N ASN B 304 46.05 -18.11 -19.58
CA ASN B 304 45.50 -16.80 -19.35
C ASN B 304 44.09 -16.90 -18.81
N LEU B 305 43.50 -18.07 -18.99
CA LEU B 305 42.17 -18.31 -18.52
C LEU B 305 42.33 -18.73 -17.08
N LEU B 306 43.32 -19.58 -16.88
CA LEU B 306 43.61 -20.13 -15.57
C LEU B 306 44.41 -19.29 -14.61
N LYS B 307 44.30 -17.99 -14.73
CA LYS B 307 45.05 -17.14 -13.85
C LYS B 307 44.43 -16.93 -12.52
N THR B 308 45.26 -17.10 -11.52
CA THR B 308 44.93 -16.93 -10.12
C THR B 308 44.27 -15.61 -9.75
N GLU B 309 44.75 -14.51 -10.28
CA GLU B 309 44.14 -13.26 -9.94
C GLU B 309 42.98 -12.95 -10.93
N PRO B 310 41.74 -12.86 -10.41
CA PRO B 310 40.58 -12.56 -11.26
C PRO B 310 40.88 -11.43 -12.29
N THR B 311 41.43 -10.31 -11.84
CA THR B 311 41.67 -9.18 -12.73
C THR B 311 42.77 -9.35 -13.75
N GLN B 312 43.52 -10.42 -13.63
CA GLN B 312 44.64 -10.67 -14.53
C GLN B 312 44.12 -11.55 -15.65
N ARG B 313 42.93 -12.09 -15.44
CA ARG B 313 42.32 -13.04 -16.35
C ARG B 313 41.78 -12.48 -17.63
N THR B 315 39.21 -11.64 -20.74
CA THR B 315 37.78 -11.30 -20.83
C THR B 315 37.14 -12.15 -21.94
N ILE B 316 35.83 -12.37 -21.84
CA ILE B 316 35.11 -13.16 -22.85
C ILE B 316 35.31 -12.55 -24.22
N THR B 317 35.43 -11.24 -24.28
CA THR B 317 35.64 -10.55 -25.56
C THR B 317 36.98 -10.92 -26.15
N GLU B 318 38.03 -10.89 -25.35
CA GLU B 318 39.35 -11.24 -25.84
C GLU B 318 39.31 -12.71 -26.15
N PHE B 319 38.58 -13.48 -25.38
CA PHE B 319 38.60 -14.89 -25.67
C PHE B 319 37.92 -15.18 -27.04
N ASN B 321 37.83 -13.17 -29.53
CA ASN B 321 38.72 -12.62 -30.53
C ASN B 321 40.03 -13.32 -30.64
N HIS B 322 40.28 -14.24 -29.74
CA HIS B 322 41.54 -14.95 -29.79
C HIS B 322 41.55 -15.81 -31.05
N PRO B 323 42.71 -15.91 -31.69
CA PRO B 323 42.91 -16.68 -32.92
C PRO B 323 42.52 -18.12 -32.90
N TRP B 324 42.82 -18.81 -31.81
CA TRP B 324 42.49 -20.23 -31.80
C TRP B 324 40.98 -20.43 -31.84
N ILE B 325 40.25 -19.50 -31.24
CA ILE B 325 38.80 -19.58 -31.19
C ILE B 325 38.13 -19.00 -32.46
N GLN B 327 39.52 -18.15 -35.76
CA GLN B 327 39.89 -18.89 -36.95
C GLN B 327 39.99 -20.40 -36.69
N SER B 328 38.86 -21.06 -36.43
CA SER B 328 38.90 -22.51 -36.18
C SER B 328 39.28 -23.30 -37.43
N THR B 329 38.54 -23.03 -38.49
CA THR B 329 38.75 -23.68 -39.78
C THR B 329 40.24 -23.74 -40.08
N LYS B 330 41.00 -22.91 -39.37
CA LYS B 330 42.43 -22.82 -39.58
C LYS B 330 43.33 -23.48 -38.52
N VAL B 331 42.78 -24.28 -37.62
CA VAL B 331 43.62 -24.92 -36.61
C VAL B 331 43.79 -26.34 -37.04
N PRO B 332 44.99 -26.91 -36.81
CA PRO B 332 45.30 -28.28 -37.18
C PRO B 332 44.20 -29.22 -36.79
N GLN B 333 44.21 -30.42 -37.36
CA GLN B 333 43.20 -31.41 -37.04
C GLN B 333 43.90 -32.58 -36.33
N THR B 334 44.76 -32.25 -35.37
CA THR B 334 45.53 -33.21 -34.61
C THR B 334 44.71 -33.97 -33.58
N PRO B 335 44.91 -35.28 -33.53
CA PRO B 335 44.21 -36.16 -32.62
C PRO B 335 44.60 -35.87 -31.20
N LEU B 336 43.62 -35.81 -30.30
CA LEU B 336 43.86 -35.55 -28.89
C LEU B 336 43.55 -36.84 -28.19
N HIS B 337 44.08 -37.05 -26.99
CA HIS B 337 43.83 -38.28 -26.27
C HIS B 337 42.55 -38.28 -25.44
N THR B 338 41.71 -37.28 -25.66
CA THR B 338 40.54 -36.96 -24.84
C THR B 338 39.63 -38.17 -24.68
N SER B 339 38.98 -38.54 -25.80
CA SER B 339 38.11 -39.71 -25.78
C SER B 339 38.78 -40.88 -25.03
N ARG B 340 40.07 -41.09 -25.37
CA ARG B 340 40.80 -42.23 -24.81
C ARG B 340 40.89 -42.16 -23.29
N VAL B 341 41.41 -41.02 -22.79
CA VAL B 341 41.54 -40.87 -21.35
C VAL B 341 40.16 -40.91 -20.67
N LEU B 342 39.19 -40.21 -21.31
CA LEU B 342 37.85 -40.20 -20.76
C LEU B 342 37.35 -41.61 -20.45
N LYS B 343 37.29 -42.37 -21.56
CA LYS B 343 36.94 -43.77 -21.44
C LYS B 343 37.81 -44.48 -20.40
N GLU B 344 39.11 -44.14 -20.40
CA GLU B 344 39.99 -44.66 -19.37
C GLU B 344 39.47 -44.31 -17.97
N ASP B 345 39.59 -43.01 -17.63
CA ASP B 345 39.09 -42.57 -16.34
C ASP B 345 40.21 -42.53 -15.28
N GLN C 41 2.18 -38.49 -16.05
CA GLN C 41 1.37 -39.37 -15.21
C GLN C 41 2.24 -40.25 -14.31
N GLN C 42 2.30 -39.88 -13.01
CA GLN C 42 3.10 -40.68 -12.09
C GLN C 42 3.15 -40.09 -10.68
N PHE C 43 3.01 -38.75 -10.61
CA PHE C 43 3.29 -38.09 -9.33
C PHE C 43 2.04 -37.51 -8.67
N PRO C 44 2.30 -36.74 -7.59
CA PRO C 44 1.25 -36.18 -6.77
C PRO C 44 0.65 -34.93 -7.41
N GLN C 45 0.25 -35.22 -8.66
CA GLN C 45 -0.36 -34.19 -9.50
C GLN C 45 -1.50 -33.45 -8.81
N PHE C 46 -2.39 -34.21 -8.17
CA PHE C 46 -3.53 -33.57 -7.51
C PHE C 46 -3.05 -32.49 -6.54
N HIS C 47 -1.83 -32.68 -6.02
CA HIS C 47 -1.25 -31.71 -5.11
C HIS C 47 -0.87 -30.43 -5.84
N VAL C 48 -1.10 -30.33 -7.15
CA VAL C 48 -0.77 -29.13 -7.87
C VAL C 48 -1.97 -28.28 -8.24
N LYS C 49 -2.05 -27.07 -7.71
CA LYS C 49 -3.17 -26.18 -8.06
C LYS C 49 -2.68 -24.88 -8.73
N SER C 50 -3.56 -24.21 -9.45
CA SER C 50 -3.21 -22.99 -10.13
C SER C 50 -3.05 -21.83 -9.19
N GLY C 51 -2.31 -20.83 -9.65
CA GLY C 51 -2.09 -19.65 -8.85
C GLY C 51 -3.18 -18.64 -9.06
N LEU C 52 -3.10 -17.54 -8.32
CA LEU C 52 -4.09 -16.49 -8.46
C LEU C 52 -3.66 -15.58 -9.61
N GLN C 53 -4.61 -15.14 -10.41
CA GLN C 53 -4.29 -14.27 -11.50
C GLN C 53 -5.13 -13.05 -11.32
N ILE C 54 -4.62 -12.08 -10.58
CA ILE C 54 -5.36 -10.84 -10.39
C ILE C 54 -5.82 -10.17 -11.69
N LYS C 55 -7.10 -9.80 -11.77
CA LYS C 55 -7.63 -9.13 -12.96
C LYS C 55 -7.56 -7.64 -12.81
N LYS C 56 -7.37 -6.92 -13.92
CA LYS C 56 -7.29 -5.47 -13.82
C LYS C 56 -8.46 -4.80 -14.48
N ASN C 57 -9.19 -5.52 -15.30
CA ASN C 57 -10.33 -4.89 -15.93
C ASN C 57 -11.27 -4.42 -14.87
N ALA C 58 -12.04 -3.39 -15.17
CA ALA C 58 -13.00 -2.89 -14.20
C ALA C 58 -13.93 -4.03 -13.76
N ILE C 59 -14.05 -4.25 -12.48
CA ILE C 59 -14.91 -5.33 -11.99
C ILE C 59 -16.35 -5.13 -12.44
N ILE C 60 -16.79 -3.88 -12.52
CA ILE C 60 -18.17 -3.65 -12.93
C ILE C 60 -18.45 -4.20 -14.31
N ASP C 61 -17.43 -4.56 -15.10
CA ASP C 61 -17.69 -5.19 -16.41
C ASP C 61 -18.23 -6.61 -16.15
N ASP C 62 -18.03 -7.13 -14.95
CA ASP C 62 -18.43 -8.48 -14.67
C ASP C 62 -19.51 -8.68 -13.64
N TYR C 63 -19.69 -7.67 -12.82
CA TYR C 63 -20.63 -7.77 -11.72
C TYR C 63 -21.36 -6.47 -11.55
N LYS C 64 -22.52 -6.53 -10.87
CA LYS C 64 -23.25 -5.34 -10.55
C LYS C 64 -22.89 -5.29 -9.10
N VAL C 65 -22.36 -4.16 -8.68
CA VAL C 65 -21.95 -3.98 -7.30
C VAL C 65 -22.99 -3.09 -6.70
N THR C 66 -23.50 -3.50 -5.55
CA THR C 66 -24.53 -2.73 -4.89
C THR C 66 -24.00 -2.04 -3.66
N SER C 67 -24.85 -1.28 -3.01
CA SER C 67 -24.45 -0.59 -1.82
C SER C 67 -24.89 -1.35 -0.57
N GLN C 68 -25.37 -2.56 -0.74
CA GLN C 68 -25.82 -3.31 0.42
C GLN C 68 -24.64 -3.86 1.22
N VAL C 69 -24.30 -3.14 2.30
CA VAL C 69 -23.13 -3.51 3.09
C VAL C 69 -23.38 -4.79 3.89
N LEU C 70 -22.64 -5.84 3.54
CA LEU C 70 -22.75 -7.09 4.28
C LEU C 70 -22.19 -6.95 5.70
N GLY C 71 -21.10 -6.21 5.73
CA GLY C 71 -20.39 -6.00 7.00
C GLY C 71 -19.01 -5.41 6.88
N LEU C 72 -18.40 -5.07 8.01
CA LEU C 72 -17.05 -4.52 8.01
C LEU C 72 -15.99 -5.54 8.42
N GLY C 73 -15.21 -6.02 7.44
CA GLY C 73 -14.17 -6.98 7.73
C GLY C 73 -12.90 -6.29 8.18
N ILE C 74 -11.90 -7.06 8.61
CA ILE C 74 -10.63 -6.47 9.03
C ILE C 74 -10.07 -5.66 7.83
N ASN C 75 -9.87 -4.36 8.03
CA ASN C 75 -9.35 -3.51 6.98
C ASN C 75 -10.24 -3.37 5.76
N GLY C 76 -11.45 -3.91 5.76
CA GLY C 76 -12.26 -3.76 4.56
C GLY C 76 -13.75 -4.00 4.72
N LYS C 77 -14.54 -3.24 3.96
CA LYS C 77 -15.99 -3.37 3.96
C LYS C 77 -16.36 -4.55 3.05
N VAL C 78 -17.44 -5.25 3.38
CA VAL C 78 -17.84 -6.33 2.52
C VAL C 78 -19.19 -6.06 1.88
N LEU C 79 -19.19 -5.90 0.58
CA LEU C 79 -20.41 -5.60 -0.13
C LEU C 79 -20.98 -6.86 -0.79
N GLN C 80 -22.25 -6.76 -1.18
CA GLN C 80 -22.95 -7.83 -1.85
C GLN C 80 -23.01 -7.53 -3.34
N ILE C 81 -22.50 -8.42 -4.18
CA ILE C 81 -22.56 -8.16 -5.61
C ILE C 81 -23.27 -9.26 -6.37
N PHE C 82 -23.58 -8.97 -7.63
CA PHE C 82 -24.30 -9.88 -8.50
C PHE C 82 -23.55 -10.03 -9.79
N ASN C 83 -23.43 -11.28 -10.24
CA ASN C 83 -22.74 -11.60 -11.48
C ASN C 83 -23.58 -11.29 -12.71
N LYS C 84 -23.38 -10.13 -13.31
CA LYS C 84 -24.14 -9.74 -14.50
C LYS C 84 -24.56 -10.84 -15.48
N ARG C 85 -23.68 -11.76 -15.78
CA ARG C 85 -24.07 -12.80 -16.72
C ARG C 85 -25.04 -13.82 -16.16
N THR C 86 -24.64 -14.46 -15.05
CA THR C 86 -25.43 -15.51 -14.40
C THR C 86 -26.39 -15.03 -13.30
N GLN C 87 -26.23 -13.79 -12.86
CA GLN C 87 -27.12 -13.24 -11.84
C GLN C 87 -26.90 -13.68 -10.37
N GLU C 88 -25.94 -14.57 -10.11
CA GLU C 88 -25.70 -15.04 -8.74
C GLU C 88 -25.27 -13.97 -7.75
N LYS C 89 -25.42 -14.29 -6.48
CA LYS C 89 -25.06 -13.38 -5.39
C LYS C 89 -23.62 -13.70 -5.06
N PHE C 90 -22.83 -12.65 -4.82
CA PHE C 90 -21.45 -12.85 -4.46
C PHE C 90 -21.04 -11.82 -3.44
N ALA C 91 -20.10 -12.19 -2.56
CA ALA C 91 -19.66 -11.23 -1.57
C ALA C 91 -18.41 -10.52 -2.09
N LEU C 92 -18.19 -9.31 -1.61
CA LEU C 92 -17.05 -8.56 -2.06
C LEU C 92 -16.39 -7.75 -0.97
N LYS C 93 -15.12 -8.05 -0.69
CA LYS C 93 -14.35 -7.28 0.30
C LYS C 93 -13.49 -6.30 -0.49
N LEU C 95 -10.41 -3.87 -0.29
CA LEU C 95 -9.20 -3.55 0.47
C LEU C 95 -8.40 -2.50 -0.29
N GLN C 96 -7.74 -1.60 0.43
CA GLN C 96 -6.89 -0.61 -0.24
C GLN C 96 -5.65 -1.40 -0.73
N ASP C 97 -5.17 -1.16 -1.94
CA ASP C 97 -3.98 -1.90 -2.36
C ASP C 97 -2.79 -1.56 -1.45
N CYS C 98 -2.09 -2.58 -0.97
CA CYS C 98 -0.95 -2.36 -0.11
C CYS C 98 -0.30 -3.65 0.35
N PRO C 99 0.91 -3.57 0.95
CA PRO C 99 1.57 -4.80 1.39
C PRO C 99 0.65 -5.70 2.21
N LYS C 100 0.11 -5.18 3.31
CA LYS C 100 -0.81 -5.95 4.11
C LYS C 100 -1.98 -6.50 3.27
N ALA C 101 -2.51 -5.70 2.34
CA ALA C 101 -3.59 -6.16 1.50
C ALA C 101 -3.11 -7.35 0.74
N ARG C 102 -2.00 -7.17 0.04
CA ARG C 102 -1.44 -8.19 -0.81
C ARG C 102 -1.12 -9.42 -0.06
N ARG C 103 -0.85 -9.27 1.22
CA ARG C 103 -0.57 -10.36 2.12
C ARG C 103 -1.81 -11.21 2.29
N GLU C 104 -2.88 -10.50 2.61
CA GLU C 104 -4.15 -11.09 2.87
C GLU C 104 -4.60 -11.93 1.69
N VAL C 105 -4.63 -11.33 0.50
CA VAL C 105 -5.05 -12.02 -0.70
C VAL C 105 -4.22 -13.28 -0.87
N GLU C 106 -2.93 -13.15 -0.67
CA GLU C 106 -2.08 -14.30 -0.83
C GLU C 106 -2.41 -15.40 0.17
N LEU C 107 -2.46 -15.04 1.44
CA LEU C 107 -2.72 -16.02 2.45
C LEU C 107 -4.08 -16.70 2.20
N HIS C 108 -5.09 -15.87 1.94
CA HIS C 108 -6.42 -16.35 1.68
C HIS C 108 -6.42 -17.34 0.54
N TRP C 109 -5.90 -16.96 -0.62
CA TRP C 109 -5.84 -17.85 -1.80
C TRP C 109 -5.25 -19.26 -1.50
N ARG C 110 -4.14 -19.29 -0.75
CA ARG C 110 -3.54 -20.55 -0.40
C ARG C 110 -4.52 -21.34 0.48
N ALA C 111 -5.23 -20.61 1.34
CA ALA C 111 -6.18 -21.20 2.29
C ALA C 111 -7.43 -21.71 1.58
N SER C 112 -7.84 -20.96 0.58
CA SER C 112 -9.02 -21.21 -0.20
C SER C 112 -9.18 -22.64 -0.74
N GLN C 113 -8.12 -23.42 -0.63
CA GLN C 113 -8.13 -24.77 -1.13
C GLN C 113 -8.88 -25.70 -0.17
N CYS C 114 -9.08 -25.25 1.05
CA CYS C 114 -9.75 -26.06 2.03
C CYS C 114 -11.25 -25.76 1.93
N PRO C 115 -12.08 -26.79 1.94
CA PRO C 115 -13.54 -26.68 1.85
C PRO C 115 -14.14 -25.83 2.93
N HIS C 116 -13.54 -25.90 4.11
CA HIS C 116 -14.02 -25.16 5.27
C HIS C 116 -13.57 -23.73 5.33
N ILE C 117 -13.16 -23.22 4.19
CA ILE C 117 -12.70 -21.84 4.07
C ILE C 117 -13.29 -21.16 2.84
N VAL C 118 -13.96 -20.02 3.11
CA VAL C 118 -14.64 -19.27 2.05
C VAL C 118 -13.81 -19.21 0.75
N ARG C 119 -14.42 -19.72 -0.34
CA ARG C 119 -13.69 -19.79 -1.60
C ARG C 119 -13.56 -18.42 -2.27
N ILE C 120 -12.35 -18.03 -2.69
CA ILE C 120 -12.17 -16.74 -3.36
C ILE C 120 -12.45 -17.10 -4.83
N VAL C 121 -13.34 -16.36 -5.47
CA VAL C 121 -13.74 -16.59 -6.86
C VAL C 121 -12.88 -15.81 -7.85
N ASP C 122 -12.64 -14.54 -7.55
CA ASP C 122 -11.81 -13.70 -8.40
C ASP C 122 -11.22 -12.63 -7.56
N VAL C 123 -10.12 -12.06 -8.01
CA VAL C 123 -9.52 -10.96 -7.29
C VAL C 123 -9.25 -9.89 -8.35
N TYR C 124 -9.67 -8.67 -8.07
CA TYR C 124 -9.46 -7.58 -9.01
C TYR C 124 -8.57 -6.47 -8.47
N GLU C 125 -7.90 -5.79 -9.37
CA GLU C 125 -7.03 -4.68 -9.02
C GLU C 125 -7.63 -3.57 -9.82
N ASN C 126 -8.32 -2.66 -9.16
CA ASN C 126 -8.94 -1.56 -9.88
C ASN C 126 -8.61 -0.27 -9.18
N LEU C 127 -9.06 0.81 -9.80
CA LEU C 127 -8.89 2.14 -9.25
C LEU C 127 -10.31 2.55 -8.81
N TYR C 128 -10.43 2.92 -7.54
CA TYR C 128 -11.69 3.38 -7.04
C TYR C 128 -11.46 4.81 -6.58
N ALA C 129 -12.06 5.74 -7.34
CA ALA C 129 -11.95 7.16 -7.06
C ALA C 129 -10.50 7.62 -7.02
N GLY C 130 -9.71 7.11 -7.98
CA GLY C 130 -8.29 7.46 -8.00
C GLY C 130 -7.46 6.52 -7.13
N ARG C 131 -8.16 5.84 -6.21
CA ARG C 131 -7.46 4.91 -5.33
C ARG C 131 -7.13 3.60 -6.05
N LYS C 132 -5.94 3.05 -5.72
CA LYS C 132 -5.65 1.70 -6.16
C LYS C 132 -6.16 0.68 -5.14
N CYS C 133 -7.13 -0.13 -5.52
CA CYS C 133 -7.76 -1.01 -4.55
C CYS C 133 -7.77 -2.46 -4.99
N LEU C 134 -7.83 -3.35 -4.02
CA LEU C 134 -7.83 -4.79 -4.28
C LEU C 134 -9.21 -5.38 -3.91
N LEU C 135 -9.96 -5.80 -4.93
CA LEU C 135 -11.32 -6.35 -4.76
C LEU C 135 -11.41 -7.87 -4.78
N ILE C 136 -11.74 -8.46 -3.63
CA ILE C 136 -11.85 -9.92 -3.53
C ILE C 136 -13.29 -10.41 -3.65
N VAL C 137 -13.62 -11.08 -4.75
CA VAL C 137 -14.96 -11.60 -4.93
C VAL C 137 -15.02 -12.97 -4.28
N GLU C 139 -17.50 -16.36 -2.51
CA GLU C 139 -18.74 -17.13 -2.51
C GLU C 139 -19.64 -16.60 -1.36
N CYS C 140 -20.93 -16.51 -1.62
CA CYS C 140 -21.81 -16.03 -0.55
C CYS C 140 -22.08 -17.18 0.39
N LEU C 141 -22.22 -16.87 1.67
CA LEU C 141 -22.49 -17.87 2.68
C LEU C 141 -23.64 -17.26 3.44
N ASP C 142 -24.86 -17.59 3.01
CA ASP C 142 -26.08 -17.03 3.59
C ASP C 142 -26.71 -17.77 4.76
N GLY C 143 -26.14 -18.89 5.18
CA GLY C 143 -26.70 -19.61 6.29
C GLY C 143 -26.51 -19.07 7.69
N GLY C 144 -25.82 -17.93 7.84
CA GLY C 144 -25.64 -17.36 9.18
C GLY C 144 -24.41 -17.74 9.98
N GLU C 145 -24.18 -17.04 11.10
CA GLU C 145 -23.02 -17.33 11.94
C GLU C 145 -23.30 -18.56 12.79
N LEU C 146 -22.29 -19.40 12.96
CA LEU C 146 -22.43 -20.60 13.76
C LEU C 146 -23.46 -20.49 14.90
N PHE C 147 -23.39 -19.47 15.74
CA PHE C 147 -24.32 -19.38 16.85
C PHE C 147 -25.76 -19.03 16.47
N SER C 148 -25.99 -18.29 15.41
CA SER C 148 -27.37 -18.04 15.05
C SER C 148 -28.05 -19.37 14.77
N ARG C 149 -27.34 -20.26 14.10
CA ARG C 149 -27.91 -21.53 13.76
C ARG C 149 -28.07 -22.40 14.96
N ILE C 150 -27.11 -22.34 15.88
CA ILE C 150 -27.26 -23.22 17.02
C ILE C 150 -28.56 -22.89 17.69
N GLN C 151 -28.87 -21.61 17.81
CA GLN C 151 -30.08 -21.22 18.50
C GLN C 151 -31.37 -21.42 17.74
N ASP C 152 -31.43 -21.07 16.47
CA ASP C 152 -32.69 -21.31 15.79
C ASP C 152 -32.89 -22.79 15.61
N ARG C 153 -32.10 -23.59 16.31
CA ARG C 153 -32.18 -25.04 16.23
C ARG C 153 -33.62 -25.39 16.56
N GLY C 154 -34.16 -26.34 15.80
CA GLY C 154 -35.54 -26.76 16.02
C GLY C 154 -35.70 -27.34 17.41
N ASP C 155 -36.60 -26.74 18.19
CA ASP C 155 -36.90 -27.19 19.54
C ASP C 155 -35.85 -26.71 20.54
N GLN C 156 -34.73 -26.19 20.05
CA GLN C 156 -33.66 -25.70 20.93
C GLN C 156 -33.10 -26.83 21.78
N ALA C 157 -32.47 -27.81 21.14
CA ALA C 157 -31.88 -28.95 21.86
C ALA C 157 -30.54 -29.38 21.17
N PHE C 158 -29.43 -28.94 21.73
CA PHE C 158 -28.10 -29.19 21.16
C PHE C 158 -27.40 -30.31 21.95
N THR C 159 -26.91 -31.32 21.24
CA THR C 159 -26.23 -32.44 21.90
C THR C 159 -24.72 -32.34 21.82
N GLU C 160 -24.06 -32.95 22.78
CA GLU C 160 -22.62 -32.99 22.86
C GLU C 160 -22.07 -33.49 21.53
N ARG C 161 -22.66 -34.55 20.98
CA ARG C 161 -22.17 -35.05 19.72
C ARG C 161 -22.23 -34.01 18.60
N GLU C 162 -23.20 -33.12 18.68
CA GLU C 162 -23.33 -32.06 17.68
C GLU C 162 -22.17 -31.09 17.87
N ALA C 163 -21.84 -30.79 19.11
CA ALA C 163 -20.77 -29.92 19.46
C ALA C 163 -19.52 -30.46 18.80
N SER C 164 -19.29 -31.74 18.99
CA SER C 164 -18.15 -32.40 18.40
C SER C 164 -18.07 -32.20 16.92
N GLU C 165 -19.05 -32.71 16.19
CA GLU C 165 -19.01 -32.58 14.74
C GLU C 165 -18.67 -31.14 14.33
N ILE C 166 -19.29 -30.17 14.99
CA ILE C 166 -18.97 -28.81 14.59
C ILE C 166 -17.50 -28.54 14.93
N LYS C 168 -15.06 -30.39 14.97
CA LYS C 168 -14.19 -31.08 14.05
C LYS C 168 -14.05 -30.42 12.69
N SER C 169 -15.06 -29.68 12.24
CA SER C 169 -14.90 -29.03 10.96
C SER C 169 -14.17 -27.72 11.17
N ILE C 170 -14.35 -27.08 12.32
CA ILE C 170 -13.65 -25.85 12.56
C ILE C 170 -12.17 -26.30 12.61
N GLY C 171 -11.98 -27.41 13.31
CA GLY C 171 -10.65 -27.99 13.45
C GLY C 171 -10.05 -28.29 12.11
N GLU C 172 -10.86 -28.65 11.12
CA GLU C 172 -10.33 -28.94 9.79
C GLU C 172 -9.74 -27.71 9.13
N ALA C 173 -10.42 -26.59 9.24
CA ALA C 173 -9.90 -25.39 8.66
C ALA C 173 -8.57 -24.98 9.39
N ILE C 174 -8.51 -25.05 10.71
CA ILE C 174 -7.29 -24.69 11.40
C ILE C 174 -6.13 -25.66 11.07
N GLN C 175 -6.45 -26.94 10.94
CA GLN C 175 -5.41 -27.90 10.64
C GLN C 175 -4.82 -27.64 9.27
N TYR C 176 -5.68 -27.35 8.29
CA TYR C 176 -5.17 -27.12 6.96
C TYR C 176 -4.25 -25.95 6.99
N LEU C 177 -4.77 -24.86 7.54
CA LEU C 177 -4.04 -23.63 7.65
C LEU C 177 -2.70 -23.83 8.30
N HIS C 178 -2.67 -24.45 9.48
CA HIS C 178 -1.39 -24.61 10.14
C HIS C 178 -0.40 -25.46 9.39
N SER C 179 -0.87 -26.41 8.61
CA SER C 179 0.06 -27.26 7.89
C SER C 179 0.67 -26.53 6.72
N ILE C 180 0.14 -25.38 6.32
CA ILE C 180 0.80 -24.70 5.23
C ILE C 180 1.34 -23.38 5.79
N ASN C 181 1.60 -23.41 7.10
CA ASN C 181 2.12 -22.32 7.87
C ASN C 181 1.43 -21.00 7.81
N ILE C 182 0.15 -21.03 8.15
CA ILE C 182 -0.68 -19.85 8.20
C ILE C 182 -1.41 -19.99 9.53
N ALA C 183 -1.47 -18.88 10.25
CA ALA C 183 -2.14 -18.82 11.52
C ALA C 183 -3.17 -17.79 11.12
N HIS C 184 -4.44 -18.05 11.46
CA HIS C 184 -5.55 -17.19 11.13
C HIS C 184 -5.56 -15.97 12.03
N ARG C 185 -5.40 -16.21 13.31
CA ARG C 185 -5.38 -15.15 14.29
C ARG C 185 -6.64 -14.31 14.51
N ASP C 186 -7.77 -14.69 13.92
CA ASP C 186 -8.99 -13.99 14.28
C ASP C 186 -10.16 -14.96 14.24
N VAL C 187 -9.84 -16.21 14.57
CA VAL C 187 -10.81 -17.31 14.68
C VAL C 187 -11.79 -17.02 15.82
N LYS C 188 -12.98 -16.60 15.51
CA LYS C 188 -13.93 -16.29 16.55
C LYS C 188 -15.24 -16.63 15.93
N PRO C 189 -16.28 -16.82 16.75
CA PRO C 189 -17.64 -17.16 16.39
C PRO C 189 -18.20 -16.47 15.14
N GLU C 190 -18.18 -15.16 15.17
CA GLU C 190 -18.73 -14.38 14.10
C GLU C 190 -18.02 -14.47 12.75
N ASN C 191 -16.85 -15.14 12.70
CA ASN C 191 -16.13 -15.33 11.45
C ASN C 191 -16.42 -16.74 10.92
N LEU C 192 -17.34 -17.45 11.57
CA LEU C 192 -17.72 -18.78 11.09
C LEU C 192 -19.16 -18.69 10.52
N LEU C 193 -19.28 -18.78 9.20
CA LEU C 193 -20.58 -18.65 8.56
C LEU C 193 -20.91 -19.87 7.79
N TYR C 194 -22.21 -20.23 7.85
CA TYR C 194 -22.75 -21.39 7.14
C TYR C 194 -22.98 -21.07 5.69
N THR C 195 -22.88 -22.06 4.84
CA THR C 195 -23.05 -21.84 3.41
C THR C 195 -24.45 -21.50 3.07
N SER C 196 -25.39 -22.28 3.60
CA SER C 196 -26.78 -22.03 3.31
C SER C 196 -27.60 -22.37 4.53
N LYS C 197 -28.91 -22.14 4.42
CA LYS C 197 -29.86 -22.42 5.48
C LYS C 197 -30.17 -23.89 5.42
N ARG C 198 -29.90 -24.51 4.28
CA ARG C 198 -30.14 -25.94 4.15
C ARG C 198 -29.62 -26.69 5.35
N PRO C 199 -30.18 -27.86 5.66
CA PRO C 199 -29.67 -28.56 6.83
C PRO C 199 -28.26 -29.10 6.72
N ASN C 200 -27.75 -29.31 5.52
CA ASN C 200 -26.40 -29.84 5.47
C ASN C 200 -25.35 -28.85 4.99
N ALA C 201 -25.63 -27.56 5.15
CA ALA C 201 -24.71 -26.50 4.73
C ALA C 201 -23.40 -26.73 5.44
N ILE C 202 -22.28 -26.41 4.79
CA ILE C 202 -20.99 -26.58 5.44
C ILE C 202 -20.51 -25.25 6.04
N LEU C 203 -19.95 -25.31 7.25
CA LEU C 203 -19.40 -24.19 8.00
C LEU C 203 -18.03 -23.73 7.44
N LYS C 204 -17.81 -22.41 7.39
CA LYS C 204 -16.58 -21.91 6.84
C LYS C 204 -15.93 -20.75 7.59
N LEU C 205 -14.58 -20.77 7.64
CA LEU C 205 -13.80 -19.72 8.30
C LEU C 205 -13.55 -18.59 7.28
N THR C 206 -13.66 -17.36 7.76
CA THR C 206 -13.52 -16.20 6.91
C THR C 206 -12.60 -15.15 7.53
N ASP C 207 -12.39 -14.07 6.80
CA ASP C 207 -11.52 -12.97 7.20
C ASP C 207 -10.03 -13.28 7.51
N PHE C 208 -9.19 -13.13 6.49
CA PHE C 208 -7.79 -13.39 6.68
C PHE C 208 -7.02 -12.08 6.87
N GLY C 209 -7.72 -11.05 7.34
CA GLY C 209 -7.07 -9.77 7.56
C GLY C 209 -6.08 -9.71 8.72
N PHE C 210 -5.71 -10.85 9.29
CA PHE C 210 -4.76 -10.87 10.39
C PHE C 210 -3.97 -12.11 10.20
N ALA C 211 -4.30 -12.88 9.17
CA ALA C 211 -3.55 -14.10 8.93
C ALA C 211 -2.08 -13.73 8.74
N LYS C 212 -1.23 -14.61 9.23
CA LYS C 212 0.20 -14.43 9.14
C LYS C 212 0.89 -15.73 8.76
N GLU C 213 1.98 -15.62 8.00
CA GLU C 213 2.77 -16.77 7.59
C GLU C 213 3.62 -17.07 8.83
N THR C 214 3.72 -18.32 9.20
CA THR C 214 4.45 -18.65 10.41
C THR C 214 5.93 -18.84 10.29
N THR C 215 6.38 -19.25 9.12
CA THR C 215 7.79 -19.44 8.91
C THR C 215 8.17 -18.29 8.02
N PRO C 227 16.75 -34.85 7.60
CA PRO C 227 17.03 -35.92 8.60
C PRO C 227 15.82 -36.31 9.43
N TYR C 228 15.44 -37.56 9.23
CA TYR C 228 14.31 -38.18 9.86
C TYR C 228 14.38 -38.17 11.37
N TYR C 229 15.41 -37.56 11.95
CA TYR C 229 15.54 -37.54 13.40
C TYR C 229 15.69 -36.12 13.93
N VAL C 230 15.73 -35.14 13.04
CA VAL C 230 15.89 -33.77 13.51
C VAL C 230 14.63 -33.31 14.25
N ALA C 231 14.81 -32.49 15.29
CA ALA C 231 13.68 -32.00 16.07
C ALA C 231 12.96 -30.85 15.35
N PRO C 232 11.63 -30.73 15.54
CA PRO C 232 10.93 -29.64 14.87
C PRO C 232 11.51 -28.25 15.11
N GLU C 233 12.00 -27.98 16.32
CA GLU C 233 12.58 -26.68 16.68
C GLU C 233 13.75 -26.36 15.79
N VAL C 234 14.48 -27.40 15.42
CA VAL C 234 15.64 -27.27 14.54
C VAL C 234 15.21 -26.95 13.10
N LEU C 235 14.19 -27.64 12.61
CA LEU C 235 13.67 -27.41 11.27
C LEU C 235 13.45 -25.95 11.02
N GLY C 236 13.29 -25.17 12.08
CA GLY C 236 13.11 -23.74 11.89
C GLY C 236 12.47 -23.08 13.08
N PRO C 237 12.84 -21.82 13.38
CA PRO C 237 12.30 -21.07 14.51
C PRO C 237 10.78 -21.15 14.65
N GLU C 238 10.10 -20.12 14.13
CA GLU C 238 8.63 -20.01 14.19
C GLU C 238 8.13 -19.69 15.61
N LYS C 239 7.65 -18.47 15.79
CA LYS C 239 7.13 -18.00 17.08
C LYS C 239 5.98 -18.89 17.58
N TYR C 240 4.90 -18.27 18.06
CA TYR C 240 3.77 -19.05 18.56
C TYR C 240 2.38 -18.47 18.22
N ASP C 241 2.17 -18.10 16.97
CA ASP C 241 0.89 -17.56 16.54
C ASP C 241 -0.12 -18.65 16.36
N LYS C 242 0.28 -19.78 15.78
CA LYS C 242 -0.68 -20.86 15.60
C LYS C 242 -1.41 -21.10 16.91
N SER C 243 -0.72 -20.73 17.98
CA SER C 243 -1.18 -20.90 19.32
C SER C 243 -2.43 -20.15 19.70
N CYS C 244 -2.52 -18.90 19.30
CA CYS C 244 -3.70 -18.18 19.69
C CYS C 244 -4.88 -18.81 18.92
N ASP C 245 -4.65 -19.28 17.69
CA ASP C 245 -5.68 -19.96 16.92
C ASP C 245 -6.23 -21.11 17.79
N TRP C 247 -6.35 -21.28 21.08
CA TRP C 247 -7.05 -20.76 22.24
C TRP C 247 -8.46 -20.45 21.76
N SER C 248 -8.55 -19.89 20.56
CA SER C 248 -9.86 -19.58 20.02
C SER C 248 -10.68 -20.83 19.99
N LEU C 249 -10.07 -21.91 19.52
CA LEU C 249 -10.74 -23.17 19.44
C LEU C 249 -11.34 -23.44 20.80
N GLY C 250 -10.61 -23.07 21.83
CA GLY C 250 -11.08 -23.29 23.19
C GLY C 250 -12.24 -22.38 23.57
N VAL C 251 -12.16 -21.11 23.24
CA VAL C 251 -13.27 -20.26 23.62
C VAL C 251 -14.53 -20.72 22.85
N ILE C 252 -14.39 -21.12 21.59
CA ILE C 252 -15.54 -21.56 20.84
C ILE C 252 -16.17 -22.86 21.39
N TYR C 254 -15.90 -24.11 24.42
CA TYR C 254 -16.51 -23.80 25.70
C TYR C 254 -17.90 -23.18 25.50
N ILE C 255 -18.04 -22.24 24.58
CA ILE C 255 -19.36 -21.66 24.39
C ILE C 255 -20.26 -22.75 23.83
N LEU C 256 -19.79 -23.49 22.84
CA LEU C 256 -20.60 -24.55 22.25
C LEU C 256 -21.19 -25.52 23.23
N LEU C 257 -20.64 -25.60 24.42
CA LEU C 257 -21.18 -26.60 25.32
C LEU C 257 -22.03 -26.13 26.47
N CYS C 258 -22.08 -24.84 26.73
CA CYS C 258 -22.86 -24.37 27.86
C CYS C 258 -23.65 -23.16 27.41
N GLY C 259 -23.29 -22.60 26.26
CA GLY C 259 -24.01 -21.46 25.76
C GLY C 259 -23.48 -20.09 26.13
N TYR C 260 -22.51 -20.00 27.04
CA TYR C 260 -21.96 -18.70 27.38
C TYR C 260 -20.43 -18.68 27.32
N PRO C 261 -19.81 -17.49 27.31
CA PRO C 261 -18.36 -17.31 27.26
C PRO C 261 -17.65 -17.57 28.58
N PRO C 262 -16.46 -18.18 28.52
CA PRO C 262 -15.69 -18.50 29.74
C PRO C 262 -15.12 -17.31 30.52
N PHE C 263 -14.83 -16.21 29.84
CA PHE C 263 -14.28 -15.07 30.56
C PHE C 263 -15.13 -13.84 30.34
N TYR C 264 -15.30 -13.06 31.40
CA TYR C 264 -16.05 -11.83 31.34
C TYR C 264 -15.77 -11.05 32.61
N SER C 265 -16.43 -9.90 32.75
CA SER C 265 -16.26 -9.07 33.94
C SER C 265 -17.41 -9.24 34.91
N ASN C 266 -17.08 -9.22 36.19
CA ASN C 266 -18.05 -9.33 37.25
C ASN C 266 -17.54 -8.57 38.47
N HIS C 267 -17.54 -7.25 38.37
CA HIS C 267 -17.08 -6.42 39.49
C HIS C 267 -17.68 -6.70 40.86
N GLY C 268 -18.66 -7.58 40.94
CA GLY C 268 -19.20 -7.84 42.24
C GLY C 268 -18.16 -8.64 42.97
N LEU C 269 -17.41 -9.46 42.25
CA LEU C 269 -16.38 -10.31 42.86
C LEU C 269 -15.26 -9.54 43.53
N ALA C 270 -14.62 -10.20 44.49
CA ALA C 270 -13.55 -9.64 45.28
C ALA C 270 -12.18 -9.85 44.65
N ILE C 271 -12.06 -10.78 43.71
CA ILE C 271 -10.78 -11.01 43.08
C ILE C 271 -10.96 -11.23 41.61
N SER C 272 -10.18 -10.51 40.81
CA SER C 272 -10.25 -10.60 39.36
C SER C 272 -11.63 -10.17 38.83
N PRO C 273 -12.01 -8.92 39.05
CA PRO C 273 -13.28 -8.36 38.61
C PRO C 273 -13.32 -8.25 37.07
N GLY C 274 -12.26 -7.71 36.48
CA GLY C 274 -12.28 -7.54 35.05
C GLY C 274 -11.89 -8.69 34.15
N LYS C 276 -10.16 -8.89 31.24
CA LYS C 276 -8.75 -9.03 30.84
C LYS C 276 -7.96 -9.74 31.94
N THR C 277 -8.23 -9.41 33.19
CA THR C 277 -7.52 -10.06 34.29
C THR C 277 -7.83 -11.55 34.40
N ARG C 278 -9.12 -11.89 34.27
CA ARG C 278 -9.57 -13.27 34.31
C ARG C 278 -8.87 -14.08 33.21
N ILE C 279 -8.65 -13.46 32.04
CA ILE C 279 -8.00 -14.16 30.93
C ILE C 279 -6.51 -14.43 31.19
N ARG C 280 -5.75 -13.41 31.60
CA ARG C 280 -4.35 -13.62 31.92
C ARG C 280 -4.29 -14.72 32.98
N GLY C 282 -6.35 -16.78 33.66
CA GLY C 282 -6.89 -18.03 33.17
C GLY C 282 -7.98 -18.56 34.12
N GLN C 283 -8.84 -17.68 34.60
CA GLN C 283 -9.83 -18.19 35.46
C GLN C 283 -11.25 -18.17 34.94
N TYR C 284 -11.66 -19.35 34.50
CA TYR C 284 -12.99 -19.63 34.04
C TYR C 284 -13.35 -20.79 34.96
N GLU C 285 -14.55 -21.34 34.80
CA GLU C 285 -15.00 -22.43 35.65
C GLU C 285 -15.93 -23.23 34.78
N PHE C 286 -16.23 -24.46 35.20
CA PHE C 286 -17.17 -25.32 34.50
C PHE C 286 -18.19 -25.57 35.58
N PRO C 287 -19.01 -24.58 35.91
CA PRO C 287 -20.05 -24.62 36.94
C PRO C 287 -21.40 -25.33 36.63
N ASN C 288 -22.02 -25.88 37.70
CA ASN C 288 -23.35 -26.50 37.54
C ASN C 288 -24.30 -25.31 37.60
N PRO C 289 -25.48 -25.42 36.98
CA PRO C 289 -26.03 -26.55 36.24
C PRO C 289 -25.32 -26.89 34.97
N GLU C 290 -25.57 -26.14 33.89
CA GLU C 290 -24.97 -26.34 32.56
C GLU C 290 -23.82 -27.32 32.29
N TRP C 291 -22.83 -27.42 33.17
CA TRP C 291 -21.71 -28.33 32.89
C TRP C 291 -21.86 -29.67 33.53
N SER C 292 -22.81 -29.75 34.46
CA SER C 292 -23.07 -30.96 35.22
C SER C 292 -23.10 -32.22 34.43
N GLU C 293 -23.79 -32.24 33.31
CA GLU C 293 -23.84 -33.51 32.58
C GLU C 293 -22.75 -33.63 31.53
N VAL C 294 -21.70 -32.83 31.68
CA VAL C 294 -20.62 -32.84 30.72
C VAL C 294 -19.42 -33.58 31.27
N SER C 295 -18.88 -34.55 30.53
CA SER C 295 -17.72 -35.31 31.03
C SER C 295 -16.42 -34.58 31.31
N GLU C 296 -15.61 -35.24 32.11
CA GLU C 296 -14.32 -34.75 32.52
C GLU C 296 -13.35 -34.73 31.36
N GLU C 297 -13.54 -35.62 30.41
CA GLU C 297 -12.62 -35.67 29.27
C GLU C 297 -12.81 -34.45 28.41
N VAL C 298 -14.08 -34.10 28.19
CA VAL C 298 -14.42 -32.95 27.40
C VAL C 298 -13.95 -31.68 28.08
N LYS C 299 -14.04 -31.64 29.39
CA LYS C 299 -13.63 -30.43 30.06
C LYS C 299 -12.14 -30.27 30.04
N LEU C 301 -10.32 -31.40 27.74
CA LEU C 301 -9.93 -31.03 26.40
C LEU C 301 -9.96 -29.49 26.34
N ILE C 302 -10.98 -28.89 26.90
CA ILE C 302 -11.06 -27.46 26.93
C ILE C 302 -9.90 -26.86 27.76
N ARG C 303 -9.55 -27.50 28.87
CA ARG C 303 -8.45 -27.02 29.70
C ARG C 303 -7.09 -27.01 29.01
N ASN C 304 -6.84 -27.98 28.14
CA ASN C 304 -5.58 -27.98 27.43
C ASN C 304 -5.65 -26.96 26.30
N LEU C 305 -6.85 -26.64 25.83
CA LEU C 305 -6.93 -25.64 24.80
C LEU C 305 -6.87 -24.27 25.45
N LEU C 306 -7.45 -24.09 26.63
CA LEU C 306 -7.43 -22.79 27.30
C LEU C 306 -6.28 -22.62 28.28
N LYS C 307 -5.09 -23.05 27.89
CA LYS C 307 -3.92 -22.88 28.75
C LYS C 307 -3.43 -21.47 28.50
N THR C 308 -3.12 -20.82 29.58
CA THR C 308 -2.66 -19.47 29.58
C THR C 308 -1.29 -19.25 28.94
N GLU C 309 -0.45 -20.25 29.07
CA GLU C 309 0.89 -20.21 28.57
C GLU C 309 0.87 -20.83 27.18
N PRO C 310 1.08 -20.03 26.11
CA PRO C 310 1.05 -20.61 24.75
C PRO C 310 1.67 -21.97 24.64
N THR C 311 2.92 -22.07 25.02
CA THR C 311 3.66 -23.32 24.94
C THR C 311 2.99 -24.55 25.54
N GLN C 312 2.04 -24.40 26.46
CA GLN C 312 1.35 -25.56 27.08
C GLN C 312 0.16 -26.00 26.27
N ARG C 313 -0.31 -25.13 25.41
CA ARG C 313 -1.46 -25.41 24.60
C ARG C 313 -1.41 -26.60 23.69
N THR C 315 -1.82 -28.78 20.41
CA THR C 315 -1.57 -28.38 19.04
C THR C 315 -2.70 -28.85 18.13
N ILE C 316 -2.90 -28.20 16.99
CA ILE C 316 -3.98 -28.60 16.12
C ILE C 316 -3.94 -30.11 15.80
N THR C 317 -2.79 -30.75 15.90
CA THR C 317 -2.70 -32.17 15.53
C THR C 317 -3.16 -33.05 16.64
N GLU C 318 -2.92 -32.61 17.85
CA GLU C 318 -3.36 -33.38 19.00
C GLU C 318 -4.88 -33.22 19.04
N PHE C 319 -5.37 -31.99 18.96
CA PHE C 319 -6.79 -31.74 18.92
C PHE C 319 -7.44 -32.73 17.94
N ASN C 321 -6.53 -35.30 16.85
CA ASN C 321 -6.32 -36.71 17.16
C ASN C 321 -7.04 -37.17 18.40
N HIS C 322 -7.65 -36.23 19.13
CA HIS C 322 -8.42 -36.53 20.33
C HIS C 322 -9.65 -37.38 19.99
N PRO C 323 -9.87 -38.40 20.83
CA PRO C 323 -10.98 -39.32 20.62
C PRO C 323 -12.31 -38.58 20.46
N TRP C 324 -12.47 -37.53 21.29
CA TRP C 324 -13.73 -36.78 21.28
C TRP C 324 -13.99 -36.11 19.92
N ILE C 325 -12.89 -35.77 19.23
CA ILE C 325 -13.05 -35.12 17.93
C ILE C 325 -13.02 -36.14 16.79
N GLN C 327 -13.76 -39.52 16.82
CA GLN C 327 -14.94 -40.36 16.72
C GLN C 327 -16.20 -39.65 17.20
N SER C 328 -16.67 -38.61 16.51
CA SER C 328 -17.89 -37.92 16.94
C SER C 328 -18.91 -39.03 17.04
N THR C 329 -18.88 -39.87 16.01
CA THR C 329 -19.70 -41.07 15.88
C THR C 329 -20.04 -41.68 17.26
N LYS C 330 -19.03 -41.80 18.11
CA LYS C 330 -19.19 -42.40 19.44
C LYS C 330 -19.31 -41.44 20.64
N VAL C 331 -19.61 -40.17 20.42
CA VAL C 331 -19.77 -39.24 21.53
C VAL C 331 -21.27 -39.24 21.84
N PRO C 332 -21.63 -39.14 23.12
CA PRO C 332 -23.00 -39.13 23.62
C PRO C 332 -23.88 -38.02 23.05
N GLN C 333 -25.11 -38.35 22.71
CA GLN C 333 -26.05 -37.35 22.22
C GLN C 333 -26.54 -36.58 23.43
N THR C 334 -25.66 -36.32 24.39
CA THR C 334 -26.07 -35.62 25.58
C THR C 334 -26.53 -34.19 25.38
N PRO C 335 -27.64 -33.85 26.04
CA PRO C 335 -28.33 -32.56 26.04
C PRO C 335 -27.58 -31.39 26.64
N LEU C 336 -27.46 -30.34 25.83
CA LEU C 336 -26.77 -29.13 26.23
C LEU C 336 -27.70 -27.92 26.45
N HIS C 337 -27.51 -27.19 27.55
CA HIS C 337 -28.28 -25.98 27.84
C HIS C 337 -27.96 -24.93 26.76
N THR C 338 -27.05 -25.28 25.85
CA THR C 338 -26.56 -24.37 24.82
C THR C 338 -27.53 -23.49 24.02
N SER C 339 -28.44 -24.06 23.22
CA SER C 339 -29.41 -23.22 22.46
C SER C 339 -30.25 -22.24 23.28
N ARG C 340 -30.77 -22.71 24.42
CA ARG C 340 -31.62 -21.85 25.24
C ARG C 340 -30.84 -20.64 25.67
N VAL C 341 -29.65 -20.89 26.19
CA VAL C 341 -28.77 -19.84 26.68
C VAL C 341 -28.35 -18.89 25.57
N LEU C 342 -27.97 -19.43 24.43
CA LEU C 342 -27.58 -18.60 23.30
C LEU C 342 -28.75 -17.68 22.96
N LYS C 343 -29.94 -18.26 22.80
CA LYS C 343 -31.13 -17.49 22.44
C LYS C 343 -31.58 -16.43 23.44
N GLU C 344 -31.58 -16.73 24.72
CA GLU C 344 -32.01 -15.71 25.65
C GLU C 344 -31.11 -14.49 25.70
N ASP C 345 -29.80 -14.72 25.62
CA ASP C 345 -28.76 -13.70 25.78
C ASP C 345 -28.58 -13.54 27.29
N LYS C 346 -27.91 -14.54 27.86
CA LYS C 346 -27.63 -14.58 29.29
C LYS C 346 -27.24 -13.24 29.88
N GLU C 347 -26.73 -13.32 31.11
CA GLU C 347 -26.25 -12.16 31.82
C GLU C 347 -24.82 -11.92 31.31
N ARG C 348 -24.07 -13.00 31.19
CA ARG C 348 -22.70 -12.90 30.72
C ARG C 348 -22.61 -12.30 29.33
N TRP C 349 -23.56 -12.64 28.47
CA TRP C 349 -23.56 -12.10 27.13
C TRP C 349 -23.85 -10.62 27.20
N GLU C 350 -24.70 -10.22 28.13
CA GLU C 350 -25.02 -8.81 28.24
C GLU C 350 -23.80 -8.07 28.77
N ASP C 351 -23.19 -8.65 29.80
CA ASP C 351 -21.99 -8.10 30.43
C ASP C 351 -20.90 -7.83 29.40
N VAL C 352 -20.69 -8.78 28.50
CA VAL C 352 -19.68 -8.61 27.47
C VAL C 352 -20.20 -7.73 26.33
N LYS C 353 -21.49 -7.77 26.03
CA LYS C 353 -22.04 -6.94 24.99
C LYS C 353 -21.92 -5.49 25.45
N GLU C 354 -21.98 -5.29 26.77
CA GLU C 354 -21.85 -3.95 27.32
C GLU C 354 -20.39 -3.54 27.40
N GLU C 355 -19.52 -4.48 27.74
CA GLU C 355 -18.12 -4.16 27.81
C GLU C 355 -17.66 -3.50 26.52
N THR C 357 -17.39 -0.81 24.64
CA THR C 357 -17.48 0.62 24.89
C THR C 357 -16.17 1.27 24.46
N PHE D 43 2.46 44.36 43.66
CA PHE D 43 2.62 42.96 43.27
C PHE D 43 1.31 42.39 42.72
N PRO D 44 1.46 41.50 41.72
CA PRO D 44 0.33 40.85 41.08
C PRO D 44 -0.15 39.63 41.87
N GLN D 45 -0.44 39.86 43.17
CA GLN D 45 -0.92 38.76 43.98
C GLN D 45 -2.07 38.02 43.28
N PHE D 46 -2.97 38.82 42.69
CA PHE D 46 -4.21 38.27 42.14
C PHE D 46 -3.96 37.19 41.09
N HIS D 47 -2.81 37.33 40.45
CA HIS D 47 -2.33 36.28 39.55
C HIS D 47 -1.79 35.02 40.25
N VAL D 48 -1.88 34.96 41.56
CA VAL D 48 -1.43 33.76 42.28
C VAL D 48 -2.58 32.82 42.63
N LYS D 49 -2.73 31.77 41.82
CA LYS D 49 -3.66 30.70 42.19
C LYS D 49 -2.91 29.54 42.86
N SER D 50 -3.65 28.75 43.65
CA SER D 50 -3.02 27.67 44.38
C SER D 50 -2.84 26.42 43.51
N GLY D 51 -1.82 25.63 43.84
CA GLY D 51 -1.56 24.41 43.10
C GLY D 51 -2.60 23.35 43.36
N LEU D 52 -2.35 22.13 42.88
CA LEU D 52 -3.29 21.04 43.06
C LEU D 52 -2.86 20.02 44.12
N GLN D 53 -3.57 19.92 45.24
CA GLN D 53 -3.20 18.94 46.25
C GLN D 53 -4.02 17.67 46.14
N ILE D 54 -3.54 16.70 45.40
CA ILE D 54 -4.28 15.45 45.28
C ILE D 54 -4.53 14.75 46.64
N LYS D 55 -5.67 14.08 46.75
CA LYS D 55 -6.05 13.36 47.97
C LYS D 55 -5.86 11.86 47.84
N LYS D 56 -5.50 11.21 48.95
CA LYS D 56 -5.27 9.76 48.93
C LYS D 56 -6.38 8.97 49.55
N ASN D 57 -7.28 9.63 50.26
CA ASN D 57 -8.34 8.89 50.90
C ASN D 57 -9.40 8.39 49.92
N ALA D 58 -10.00 7.24 50.23
CA ALA D 58 -11.02 6.64 49.38
C ALA D 58 -12.07 7.69 49.05
N ILE D 59 -12.31 7.90 47.76
CA ILE D 59 -13.26 8.89 47.34
C ILE D 59 -14.63 8.59 47.92
N ILE D 60 -14.90 7.31 48.19
CA ILE D 60 -16.21 6.91 48.75
C ILE D 60 -16.42 7.43 50.16
N ASP D 61 -15.38 7.97 50.77
CA ASP D 61 -15.52 8.50 52.10
C ASP D 61 -16.22 9.80 51.98
N ASP D 62 -16.16 10.43 50.82
CA ASP D 62 -16.79 11.73 50.69
C ASP D 62 -17.90 11.88 49.66
N TYR D 63 -17.97 11.00 48.68
CA TYR D 63 -19.04 11.12 47.70
C TYR D 63 -19.69 9.76 47.58
N LYS D 64 -20.87 9.74 46.97
CA LYS D 64 -21.54 8.48 46.76
C LYS D 64 -21.24 8.25 45.30
N VAL D 65 -20.56 7.18 45.01
CA VAL D 65 -20.26 6.93 43.64
C VAL D 65 -21.34 6.05 43.06
N THR D 66 -21.98 6.50 41.99
CA THR D 66 -23.03 5.72 41.38
C THR D 66 -22.58 5.12 40.04
N SER D 67 -23.44 4.30 39.46
CA SER D 67 -23.09 3.63 38.22
C SER D 67 -23.79 4.19 36.98
N GLN D 68 -24.38 5.36 37.14
CA GLN D 68 -24.96 6.06 36.00
C GLN D 68 -23.89 6.79 35.19
N VAL D 69 -23.50 6.15 34.07
CA VAL D 69 -22.43 6.72 33.26
C VAL D 69 -22.92 7.88 32.41
N LEU D 70 -22.45 9.08 32.77
CA LEU D 70 -22.73 10.22 31.91
C LEU D 70 -22.18 9.96 30.50
N GLY D 71 -20.91 9.57 30.47
CA GLY D 71 -20.29 9.34 29.18
C GLY D 71 -18.95 8.64 29.22
N LEU D 72 -18.22 8.77 28.11
CA LEU D 72 -16.91 8.18 27.96
C LEU D 72 -15.99 9.21 27.38
N GLY D 73 -15.18 9.83 28.23
CA GLY D 73 -14.25 10.85 27.78
C GLY D 73 -13.01 10.18 27.27
N ILE D 74 -11.95 10.94 27.02
CA ILE D 74 -10.70 10.36 26.53
C ILE D 74 -10.04 9.59 27.66
N ASN D 75 -9.95 8.28 27.50
CA ASN D 75 -9.31 7.41 28.48
C ASN D 75 -10.10 7.18 29.76
N GLY D 76 -11.37 7.53 29.77
CA GLY D 76 -12.17 7.29 30.95
C GLY D 76 -13.66 7.62 30.85
N LYS D 77 -14.46 6.85 31.56
CA LYS D 77 -15.89 7.10 31.55
C LYS D 77 -16.21 8.06 32.69
N VAL D 78 -17.14 8.98 32.45
CA VAL D 78 -17.54 9.92 33.48
C VAL D 78 -18.77 9.32 34.11
N LEU D 79 -18.75 9.27 35.44
CA LEU D 79 -19.83 8.71 36.23
C LEU D 79 -20.49 9.82 37.02
N GLN D 80 -21.74 9.57 37.42
CA GLN D 80 -22.52 10.52 38.23
C GLN D 80 -22.26 10.18 39.70
N ILE D 81 -21.87 11.16 40.48
CA ILE D 81 -21.60 10.89 41.88
C ILE D 81 -22.27 11.99 42.70
N PHE D 82 -22.62 11.68 43.94
CA PHE D 82 -23.25 12.67 44.79
C PHE D 82 -22.49 12.86 46.06
N ASN D 83 -22.31 14.13 46.44
CA ASN D 83 -21.60 14.50 47.65
C ASN D 83 -22.41 13.98 48.82
N LYS D 84 -21.78 13.23 49.72
CA LYS D 84 -22.47 12.67 50.88
C LYS D 84 -23.05 13.68 51.87
N ARG D 85 -22.38 14.81 52.03
CA ARG D 85 -22.84 15.87 52.92
C ARG D 85 -23.77 16.75 52.08
N THR D 86 -23.26 17.88 51.59
CA THR D 86 -24.05 18.80 50.78
C THR D 86 -25.12 18.04 50.01
N GLN D 87 -24.69 16.96 49.36
CA GLN D 87 -25.59 16.12 48.59
C GLN D 87 -25.85 16.60 47.17
N GLU D 88 -24.96 17.44 46.64
CA GLU D 88 -25.11 17.90 45.28
C GLU D 88 -24.42 16.95 44.31
N LYS D 89 -24.82 17.03 43.05
CA LYS D 89 -24.29 16.17 42.02
C LYS D 89 -23.00 16.72 41.41
N PHE D 90 -22.11 15.79 41.09
CA PHE D 90 -20.85 16.12 40.46
C PHE D 90 -20.54 15.03 39.45
N ALA D 91 -19.76 15.37 38.44
CA ALA D 91 -19.39 14.37 37.46
C ALA D 91 -18.01 13.85 37.93
N LEU D 92 -17.73 12.59 37.62
CA LEU D 92 -16.46 11.98 38.00
C LEU D 92 -15.81 11.28 36.81
N LYS D 93 -14.53 11.54 36.56
CA LYS D 93 -13.81 10.86 35.49
C LYS D 93 -12.78 9.95 36.14
N LEU D 95 -9.66 7.70 35.74
CA LEU D 95 -8.56 7.45 34.83
C LEU D 95 -7.63 6.48 35.54
N GLN D 96 -6.90 5.66 34.78
CA GLN D 96 -5.93 4.73 35.36
C GLN D 96 -4.69 5.59 35.54
N ASP D 97 -4.08 5.57 36.71
CA ASP D 97 -2.93 6.41 36.93
C ASP D 97 -1.75 6.03 36.07
N CYS D 98 -1.26 6.99 35.30
CA CYS D 98 -0.14 6.77 34.41
C CYS D 98 0.24 8.13 33.85
N PRO D 99 1.47 8.24 33.28
CA PRO D 99 1.96 9.48 32.70
C PRO D 99 0.92 10.29 31.95
N LYS D 100 0.16 9.68 31.05
CA LYS D 100 -0.86 10.43 30.31
C LYS D 100 -1.81 11.06 31.32
N ALA D 101 -2.46 10.20 32.10
CA ALA D 101 -3.43 10.62 33.09
C ALA D 101 -2.94 11.82 33.87
N ARG D 102 -1.78 11.67 34.50
CA ARG D 102 -1.18 12.73 35.26
C ARG D 102 -0.99 14.05 34.49
N ARG D 103 -0.70 13.99 33.19
CA ARG D 103 -0.57 15.24 32.45
C ARG D 103 -1.93 15.92 32.36
N GLU D 104 -2.93 15.12 32.04
CA GLU D 104 -4.30 15.59 31.91
C GLU D 104 -4.81 16.33 33.13
N VAL D 105 -4.54 15.80 34.33
CA VAL D 105 -4.96 16.39 35.57
C VAL D 105 -4.17 17.69 35.77
N GLU D 106 -2.88 17.70 35.46
CA GLU D 106 -2.14 18.94 35.66
C GLU D 106 -2.59 19.97 34.65
N LEU D 107 -2.70 19.56 33.40
CA LEU D 107 -3.09 20.47 32.38
C LEU D 107 -4.50 20.99 32.61
N HIS D 108 -5.46 20.09 32.87
CA HIS D 108 -6.84 20.50 33.10
C HIS D 108 -6.84 21.42 34.32
N TRP D 109 -6.07 21.06 35.33
CA TRP D 109 -6.00 21.89 36.52
C TRP D 109 -5.60 23.35 36.21
N ARG D 110 -4.55 23.55 35.44
CA ARG D 110 -4.17 24.89 35.11
C ARG D 110 -5.25 25.58 34.25
N ALA D 111 -5.75 24.85 33.26
CA ALA D 111 -6.75 25.41 32.37
C ALA D 111 -7.99 25.80 33.13
N SER D 112 -8.11 25.23 34.32
CA SER D 112 -9.26 25.44 35.16
C SER D 112 -9.47 26.86 35.67
N GLN D 113 -8.46 27.69 35.68
CA GLN D 113 -8.70 29.02 36.20
C GLN D 113 -9.71 29.72 35.29
N CYS D 114 -9.71 29.38 34.02
CA CYS D 114 -10.64 30.00 33.10
C CYS D 114 -12.05 29.55 33.46
N PRO D 115 -13.01 30.49 33.55
CA PRO D 115 -14.40 30.21 33.88
C PRO D 115 -15.04 29.39 32.80
N HIS D 116 -14.59 29.60 31.57
CA HIS D 116 -15.13 28.91 30.43
C HIS D 116 -14.61 27.48 30.25
N ILE D 117 -14.09 26.94 31.33
CA ILE D 117 -13.60 25.58 31.32
C ILE D 117 -14.16 24.90 32.59
N VAL D 118 -14.69 23.68 32.47
CA VAL D 118 -15.23 23.01 33.66
C VAL D 118 -14.26 23.04 34.83
N ARG D 119 -14.77 23.46 35.97
CA ARG D 119 -14.00 23.57 37.20
C ARG D 119 -13.74 22.19 37.78
N ILE D 120 -12.58 22.02 38.41
CA ILE D 120 -12.23 20.75 39.04
C ILE D 120 -12.37 20.94 40.55
N VAL D 121 -13.21 20.11 41.16
CA VAL D 121 -13.47 20.15 42.60
C VAL D 121 -12.36 19.48 43.38
N ASP D 122 -12.03 18.27 43.00
CA ASP D 122 -10.98 17.51 43.65
C ASP D 122 -10.43 16.47 42.70
N VAL D 123 -9.28 15.93 43.06
CA VAL D 123 -8.61 14.86 42.33
C VAL D 123 -8.16 13.92 43.42
N TYR D 124 -8.56 12.67 43.29
CA TYR D 124 -8.22 11.65 44.28
C TYR D 124 -7.29 10.61 43.71
N GLU D 125 -6.26 10.24 44.45
CA GLU D 125 -5.36 9.17 44.02
C GLU D 125 -5.81 7.96 44.83
N ASN D 126 -6.51 7.04 44.18
CA ASN D 126 -7.08 5.88 44.84
C ASN D 126 -6.76 4.56 44.16
N LEU D 127 -7.10 3.51 44.88
CA LEU D 127 -6.90 2.15 44.41
C LEU D 127 -8.26 1.55 44.04
N TYR D 128 -8.43 1.09 42.81
CA TYR D 128 -9.68 0.45 42.40
C TYR D 128 -9.32 -0.94 41.93
N ALA D 129 -9.85 -1.96 42.61
CA ALA D 129 -9.53 -3.32 42.26
C ALA D 129 -8.00 -3.56 42.22
N GLY D 130 -7.30 -2.93 43.16
CA GLY D 130 -5.87 -3.12 43.27
C GLY D 130 -5.03 -2.34 42.28
N ARG D 131 -5.72 -1.65 41.38
CA ARG D 131 -5.04 -0.87 40.35
C ARG D 131 -5.06 0.61 40.69
N LYS D 132 -3.89 1.23 40.74
CA LYS D 132 -3.79 2.66 41.05
C LYS D 132 -4.53 3.50 40.02
N CYS D 133 -5.40 4.40 40.45
CA CYS D 133 -6.14 5.26 39.50
C CYS D 133 -6.34 6.71 40.00
N LEU D 134 -6.52 7.62 39.05
CA LEU D 134 -6.72 9.05 39.34
C LEU D 134 -8.17 9.41 39.07
N LEU D 135 -8.82 10.00 40.05
CA LEU D 135 -10.23 10.34 39.89
C LEU D 135 -10.51 11.85 39.91
N ILE D 136 -10.92 12.40 38.78
CA ILE D 136 -11.23 13.82 38.80
C ILE D 136 -12.70 14.03 39.11
N VAL D 137 -12.98 14.96 40.01
CA VAL D 137 -14.34 15.32 40.37
C VAL D 137 -14.58 16.70 39.72
N GLU D 139 -17.44 20.03 38.36
CA GLU D 139 -18.74 20.67 38.54
C GLU D 139 -19.70 20.01 37.53
N CYS D 140 -20.99 19.92 37.83
CA CYS D 140 -21.89 19.28 36.88
C CYS D 140 -22.48 20.26 35.88
N LEU D 141 -22.56 19.88 34.62
CA LEU D 141 -23.12 20.75 33.61
C LEU D 141 -24.31 20.02 33.00
N ASP D 142 -25.50 20.43 33.41
CA ASP D 142 -26.71 19.81 32.89
C ASP D 142 -27.37 20.66 31.82
N GLY D 143 -26.75 21.78 31.46
CA GLY D 143 -27.31 22.60 30.42
C GLY D 143 -27.42 21.86 29.10
N GLY D 144 -26.57 20.87 28.87
CA GLY D 144 -26.62 20.12 27.61
C GLY D 144 -25.61 20.59 26.55
N GLU D 145 -25.43 19.78 25.51
CA GLU D 145 -24.47 20.12 24.44
C GLU D 145 -24.87 21.39 23.70
N LEU D 146 -23.90 22.24 23.41
CA LEU D 146 -24.14 23.48 22.69
C LEU D 146 -25.28 23.41 21.66
N PHE D 147 -25.14 22.52 20.69
CA PHE D 147 -26.13 22.36 19.64
C PHE D 147 -27.47 21.78 20.11
N SER D 148 -27.46 21.01 21.18
CA SER D 148 -28.73 20.51 21.66
C SER D 148 -29.62 21.71 21.98
N ARG D 149 -29.07 22.71 22.64
CA ARG D 149 -29.85 23.89 22.96
C ARG D 149 -30.32 24.53 21.67
N ILE D 150 -29.37 24.89 20.80
CA ILE D 150 -29.74 25.54 19.55
C ILE D 150 -30.93 24.86 18.91
N GLN D 151 -30.89 23.55 18.86
CA GLN D 151 -32.00 22.81 18.29
C GLN D 151 -33.28 23.26 19.01
N ASP D 152 -33.48 22.74 20.22
CA ASP D 152 -34.64 23.05 21.07
C ASP D 152 -35.13 24.50 21.10
N ARG D 153 -34.30 25.44 20.65
CA ARG D 153 -34.66 26.86 20.65
C ARG D 153 -36.14 27.06 20.34
N PHE D 158 -32.68 31.73 16.75
CA PHE D 158 -31.22 31.76 16.85
C PHE D 158 -30.61 32.77 15.88
N THR D 159 -30.29 33.97 16.41
CA THR D 159 -29.76 35.01 15.55
C THR D 159 -28.25 34.88 15.34
N GLU D 160 -27.76 35.63 14.33
CA GLU D 160 -26.32 35.66 14.08
C GLU D 160 -25.58 36.41 15.18
N ARG D 161 -26.27 37.36 15.84
CA ARG D 161 -25.63 38.03 16.97
C ARG D 161 -25.46 37.10 18.17
N GLU D 162 -26.09 35.94 18.17
CA GLU D 162 -25.89 35.03 19.26
C GLU D 162 -24.88 33.99 18.84
N ALA D 163 -24.73 33.81 17.52
CA ALA D 163 -23.60 32.96 17.14
C ALA D 163 -22.29 33.56 17.60
N SER D 164 -22.04 34.77 17.10
CA SER D 164 -20.87 35.55 17.48
C SER D 164 -20.59 35.44 18.98
N GLU D 165 -21.66 35.58 19.78
CA GLU D 165 -21.49 35.44 21.22
C GLU D 165 -20.96 34.05 21.57
N ILE D 166 -21.78 33.03 21.31
CA ILE D 166 -21.31 31.67 21.49
C ILE D 166 -19.89 31.52 20.99
N LYS D 168 -17.66 33.68 20.73
CA LYS D 168 -16.73 34.52 21.46
C LYS D 168 -16.41 33.97 22.84
N SER D 169 -17.31 33.11 23.33
CA SER D 169 -17.07 32.51 24.64
C SER D 169 -16.26 31.22 24.52
N ILE D 170 -16.43 30.57 23.37
CA ILE D 170 -15.63 29.39 23.07
C ILE D 170 -14.21 29.86 22.83
N GLY D 171 -14.09 30.94 22.08
CA GLY D 171 -12.77 31.48 21.81
C GLY D 171 -12.05 31.87 23.09
N GLU D 172 -12.84 32.28 24.08
CA GLU D 172 -12.26 32.71 25.34
C GLU D 172 -11.56 31.58 26.00
N ALA D 173 -12.15 30.39 25.94
CA ALA D 173 -11.52 29.25 26.55
C ALA D 173 -10.21 28.97 25.77
N ILE D 174 -10.28 29.05 24.44
CA ILE D 174 -9.09 28.77 23.67
C ILE D 174 -8.00 29.79 23.93
N GLN D 175 -8.36 31.05 24.06
CA GLN D 175 -7.36 32.06 24.26
C GLN D 175 -6.60 31.84 25.56
N TYR D 176 -7.33 31.55 26.61
CA TYR D 176 -6.67 31.30 27.88
C TYR D 176 -5.67 30.14 27.71
N LEU D 177 -6.13 29.03 27.12
CA LEU D 177 -5.30 27.84 26.93
C LEU D 177 -4.05 28.13 26.14
N HIS D 178 -4.22 28.73 24.97
CA HIS D 178 -3.07 29.05 24.17
C HIS D 178 -2.17 30.05 24.90
N SER D 179 -2.75 30.99 25.62
CA SER D 179 -1.92 31.94 26.30
C SER D 179 -1.04 31.24 27.33
N ILE D 180 -1.52 30.15 27.92
CA ILE D 180 -0.63 29.47 28.90
C ILE D 180 0.04 28.26 28.28
N ASN D 181 0.09 28.26 26.95
CA ASN D 181 0.72 27.20 26.16
C ASN D 181 0.06 25.80 26.11
N ILE D 182 -1.25 25.76 26.05
CA ILE D 182 -1.91 24.49 25.98
C ILE D 182 -2.80 24.39 24.74
N ALA D 183 -2.69 23.25 24.05
CA ALA D 183 -3.65 22.96 22.98
C ALA D 183 -4.66 21.89 23.40
N HIS D 184 -5.96 22.23 23.23
CA HIS D 184 -7.00 21.25 23.50
C HIS D 184 -6.86 20.04 22.57
N ARG D 185 -6.83 20.33 21.26
CA ARG D 185 -6.60 19.27 20.28
C ARG D 185 -7.84 18.39 20.06
N ASP D 186 -8.87 18.62 20.91
CA ASP D 186 -10.13 17.89 20.74
C ASP D 186 -11.34 18.80 20.97
N VAL D 187 -11.29 19.98 20.34
CA VAL D 187 -12.40 20.93 20.50
C VAL D 187 -13.53 20.66 19.51
N LYS D 188 -14.56 19.92 19.99
CA LYS D 188 -15.71 19.65 19.14
C LYS D 188 -17.02 20.04 19.82
N PRO D 189 -18.07 20.22 19.02
CA PRO D 189 -19.36 20.62 19.57
C PRO D 189 -19.83 19.75 20.72
N GLU D 190 -19.53 18.46 20.65
CA GLU D 190 -19.94 17.52 21.70
C GLU D 190 -19.19 17.76 23.01
N ASN D 191 -18.16 18.60 22.97
CA ASN D 191 -17.38 18.88 24.16
C ASN D 191 -17.67 20.21 24.82
N LEU D 192 -18.74 20.87 24.38
CA LEU D 192 -19.14 22.14 24.93
C LEU D 192 -20.51 21.95 25.59
N LEU D 193 -20.53 21.89 26.92
CA LEU D 193 -21.75 21.70 27.71
C LEU D 193 -22.11 22.93 28.52
N TYR D 194 -23.41 23.18 28.67
CA TYR D 194 -23.93 24.32 29.41
C TYR D 194 -24.07 23.97 30.90
N THR D 195 -23.89 24.95 31.79
CA THR D 195 -24.01 24.73 33.23
C THR D 195 -25.41 24.29 33.54
N SER D 196 -26.25 25.29 33.77
CA SER D 196 -27.69 25.17 34.06
C SER D 196 -28.49 25.22 32.77
N LYS D 197 -29.79 24.97 32.89
CA LYS D 197 -30.68 25.01 31.74
C LYS D 197 -31.27 26.38 31.68
N ARG D 198 -30.79 27.24 32.56
CA ARG D 198 -31.22 28.64 32.65
C ARG D 198 -30.81 29.30 31.36
N PRO D 199 -31.22 30.57 31.14
CA PRO D 199 -30.83 31.25 29.90
C PRO D 199 -29.42 31.84 29.97
N ASN D 200 -29.07 32.45 31.09
CA ASN D 200 -27.73 33.04 31.18
C ASN D 200 -26.63 32.04 31.61
N ALA D 201 -26.88 30.75 31.43
CA ALA D 201 -25.89 29.71 31.78
C ALA D 201 -24.62 29.93 30.94
N ILE D 202 -23.46 29.49 31.43
CA ILE D 202 -22.25 29.69 30.65
C ILE D 202 -21.77 28.41 29.94
N LEU D 203 -21.20 28.57 28.73
CA LEU D 203 -20.67 27.43 27.97
C LEU D 203 -19.31 27.05 28.53
N LYS D 204 -19.01 25.77 28.52
CA LYS D 204 -17.73 25.34 29.05
C LYS D 204 -17.04 24.23 28.29
N LEU D 205 -15.72 24.35 28.14
CA LEU D 205 -14.91 23.34 27.45
C LEU D 205 -14.63 22.18 28.42
N THR D 206 -14.67 20.96 27.91
CA THR D 206 -14.40 19.79 28.77
C THR D 206 -13.49 18.77 28.10
N ASP D 207 -13.09 17.80 28.89
CA ASP D 207 -12.21 16.74 28.43
C ASP D 207 -10.84 17.13 27.91
N PHE D 208 -9.84 17.07 28.78
CA PHE D 208 -8.49 17.41 28.40
C PHE D 208 -7.67 16.17 28.07
N GLY D 209 -8.37 15.16 27.53
CA GLY D 209 -7.73 13.92 27.12
C GLY D 209 -6.59 14.03 26.11
N PHE D 210 -6.69 14.94 25.15
CA PHE D 210 -5.63 15.13 24.20
C PHE D 210 -4.85 16.43 24.44
N ALA D 211 -5.16 17.15 25.50
CA ALA D 211 -4.46 18.39 25.76
C ALA D 211 -2.95 18.16 25.78
N LYS D 212 -2.18 19.11 25.29
CA LYS D 212 -0.74 18.97 25.25
C LYS D 212 -0.08 20.31 25.45
N GLU D 213 1.05 20.32 26.15
CA GLU D 213 1.81 21.53 26.37
C GLU D 213 2.50 21.86 25.06
N THR D 214 2.37 23.09 24.58
CA THR D 214 3.01 23.48 23.32
C THR D 214 4.50 23.63 23.54
N THR D 215 4.93 23.38 24.77
CA THR D 215 6.35 23.41 25.11
C THR D 215 6.57 22.45 26.28
N CYS D 224 17.36 33.99 30.28
CA CYS D 224 16.24 34.54 31.04
C CYS D 224 16.05 36.02 30.76
N TYR D 225 16.57 36.44 29.59
CA TYR D 225 16.56 37.85 29.23
C TYR D 225 15.35 38.19 28.34
N THR D 226 15.59 38.06 27.02
CA THR D 226 14.51 38.25 26.07
C THR D 226 14.35 39.71 25.67
N PRO D 227 15.07 40.10 24.60
CA PRO D 227 14.96 41.45 24.05
C PRO D 227 13.55 41.70 23.50
N TYR D 228 13.05 42.89 23.80
CA TYR D 228 11.72 43.30 23.40
C TYR D 228 11.54 43.22 21.89
N TYR D 229 12.60 43.04 21.13
CA TYR D 229 12.44 42.99 19.68
C TYR D 229 12.73 41.62 19.03
N VAL D 230 12.99 40.60 19.83
CA VAL D 230 13.27 39.25 19.35
C VAL D 230 12.01 38.67 18.71
N ALA D 231 12.15 37.78 17.72
CA ALA D 231 10.99 37.16 17.07
C ALA D 231 10.52 35.91 17.81
N PRO D 232 9.26 35.54 17.67
CA PRO D 232 8.79 34.34 18.37
C PRO D 232 9.57 33.07 17.99
N GLU D 233 9.78 32.84 16.70
CA GLU D 233 10.59 31.71 16.22
C GLU D 233 11.84 31.57 17.09
N VAL D 234 12.42 32.69 17.48
CA VAL D 234 13.63 32.67 18.29
C VAL D 234 13.33 32.37 19.75
N LEU D 235 12.21 32.86 20.25
CA LEU D 235 11.89 32.59 21.63
C LEU D 235 11.73 31.11 21.86
N GLY D 236 11.45 30.34 20.80
CA GLY D 236 11.31 28.91 21.01
C GLY D 236 10.83 28.02 19.86
N PRO D 237 10.49 26.77 20.18
CA PRO D 237 10.02 25.75 19.25
C PRO D 237 8.53 25.92 18.92
N GLU D 238 7.70 25.12 19.61
CA GLU D 238 6.26 25.19 19.35
C GLU D 238 5.93 24.82 17.90
N LYS D 239 5.18 23.70 17.76
CA LYS D 239 4.84 23.23 16.42
C LYS D 239 3.57 23.88 15.89
N TYR D 240 2.50 23.06 15.79
CA TYR D 240 1.23 23.59 15.29
C TYR D 240 0.03 22.89 15.93
N ASP D 241 0.16 22.48 17.18
CA ASP D 241 -0.97 21.85 17.82
C ASP D 241 -2.06 22.85 18.12
N LYS D 242 -1.66 24.07 18.47
CA LYS D 242 -2.62 25.12 18.80
C LYS D 242 -3.48 25.35 17.60
N SER D 243 -2.82 25.17 16.48
CA SER D 243 -3.37 25.36 15.16
C SER D 243 -4.61 24.55 14.85
N CYS D 244 -4.68 23.33 15.32
CA CYS D 244 -5.86 22.59 14.99
C CYS D 244 -6.99 23.01 15.89
N ASP D 245 -6.72 23.68 17.00
CA ASP D 245 -7.82 24.16 17.84
C ASP D 245 -8.56 25.21 16.95
N TRP D 247 -8.76 25.31 13.64
CA TRP D 247 -9.51 24.63 12.61
C TRP D 247 -10.87 24.22 13.23
N SER D 248 -10.83 23.66 14.43
CA SER D 248 -12.08 23.26 15.04
C SER D 248 -13.05 24.40 15.20
N LEU D 249 -12.53 25.55 15.60
CA LEU D 249 -13.36 26.71 15.79
C LEU D 249 -14.03 27.01 14.46
N GLY D 250 -13.27 26.91 13.38
CA GLY D 250 -13.84 27.21 12.09
C GLY D 250 -15.00 26.29 11.80
N VAL D 251 -14.89 25.05 12.26
CA VAL D 251 -15.94 24.05 12.02
C VAL D 251 -17.14 24.24 12.90
N ILE D 252 -16.96 24.72 14.12
CA ILE D 252 -18.11 24.96 14.99
C ILE D 252 -18.90 26.19 14.52
N TYR D 254 -19.24 27.54 11.61
CA TYR D 254 -19.95 27.17 10.41
C TYR D 254 -21.20 26.38 10.80
N ILE D 255 -21.01 25.23 11.41
CA ILE D 255 -22.15 24.45 11.82
C ILE D 255 -23.10 25.27 12.67
N LEU D 256 -22.60 26.34 13.28
CA LEU D 256 -23.47 27.19 14.11
C LEU D 256 -24.21 28.22 13.26
N LEU D 257 -23.78 28.43 12.01
CA LEU D 257 -24.47 29.42 11.18
C LEU D 257 -25.38 28.80 10.13
N CYS D 258 -25.40 27.47 10.02
CA CYS D 258 -26.23 26.85 8.99
C CYS D 258 -26.92 25.57 9.45
N GLY D 259 -26.32 24.87 10.41
CA GLY D 259 -26.95 23.65 10.90
C GLY D 259 -26.26 22.38 10.52
N TYR D 260 -25.34 22.46 9.56
CA TYR D 260 -24.58 21.28 9.10
C TYR D 260 -23.09 21.60 8.93
N PRO D 261 -22.25 20.56 8.91
CA PRO D 261 -20.80 20.63 8.76
C PRO D 261 -20.36 20.98 7.35
N PRO D 262 -19.15 21.51 7.20
CA PRO D 262 -18.67 21.87 5.87
C PRO D 262 -18.16 20.67 5.08
N PHE D 263 -17.68 19.66 5.79
CA PHE D 263 -17.16 18.46 5.15
C PHE D 263 -17.96 17.24 5.53
N TYR D 264 -18.21 16.39 4.55
CA TYR D 264 -18.99 15.18 4.77
C TYR D 264 -18.60 14.10 3.77
N SER D 265 -19.36 13.00 3.76
CA SER D 265 -19.08 11.91 2.83
C SER D 265 -19.98 12.01 1.60
N ASN D 266 -19.38 11.92 0.43
CA ASN D 266 -20.16 12.03 -0.80
C ASN D 266 -19.47 11.32 -1.96
N HIS D 267 -19.74 10.03 -2.10
CA HIS D 267 -19.14 9.26 -3.18
C HIS D 267 -19.83 9.55 -4.51
N GLY D 268 -21.00 10.19 -4.44
CA GLY D 268 -21.71 10.50 -5.64
C GLY D 268 -21.00 11.60 -6.40
N LEU D 269 -20.02 12.23 -5.76
CA LEU D 269 -19.27 13.30 -6.40
C LEU D 269 -18.37 12.76 -7.50
N ALA D 270 -17.76 13.69 -8.24
CA ALA D 270 -16.85 13.37 -9.33
C ALA D 270 -15.46 13.61 -8.76
N ILE D 271 -15.27 14.80 -8.21
CA ILE D 271 -14.01 15.17 -7.60
C ILE D 271 -14.09 15.11 -6.10
N SER D 272 -13.12 14.43 -5.51
CA SER D 272 -13.06 14.29 -4.08
C SER D 272 -14.40 13.83 -3.53
N PRO D 273 -14.71 12.52 -3.66
CA PRO D 273 -16.00 12.05 -3.12
C PRO D 273 -15.70 11.88 -1.64
N GLY D 274 -14.44 11.55 -1.36
CA GLY D 274 -14.00 11.35 -0.01
C GLY D 274 -14.04 12.58 0.88
N LYS D 276 -12.45 12.82 3.59
CA LYS D 276 -11.05 13.07 3.89
C LYS D 276 -10.38 13.88 2.78
N THR D 277 -10.67 13.46 1.53
CA THR D 277 -10.14 14.20 0.39
C THR D 277 -10.66 15.63 0.36
N ARG D 278 -11.96 15.77 0.67
CA ARG D 278 -12.56 17.09 0.65
C ARG D 278 -12.05 17.96 1.80
N ILE D 279 -11.69 17.37 2.95
CA ILE D 279 -11.11 18.11 4.07
C ILE D 279 -9.69 18.54 3.72
N ARG D 280 -8.89 17.59 3.25
CA ARG D 280 -7.51 17.88 2.86
C ARG D 280 -7.55 18.86 1.75
N GLY D 282 -9.73 20.92 1.17
CA GLY D 282 -10.36 22.15 1.60
C GLY D 282 -11.56 22.57 0.75
N GLN D 283 -12.26 21.60 0.21
CA GLN D 283 -13.38 21.91 -0.65
C GLN D 283 -14.66 21.88 0.13
N TYR D 284 -15.26 23.05 0.32
CA TYR D 284 -16.53 23.16 1.02
C TYR D 284 -17.16 24.41 0.46
N GLU D 285 -18.45 24.58 0.72
CA GLU D 285 -19.16 25.72 0.20
C GLU D 285 -20.06 26.39 1.24
N PHE D 286 -20.70 27.49 0.85
CA PHE D 286 -21.60 28.22 1.73
C PHE D 286 -22.93 28.28 1.01
N PRO D 287 -23.59 27.11 0.84
CA PRO D 287 -24.89 26.89 0.18
C PRO D 287 -26.13 27.73 0.57
N ASN D 288 -26.99 27.98 -0.43
CA ASN D 288 -28.26 28.73 -0.25
C ASN D 288 -29.31 27.70 0.12
N PRO D 289 -30.35 28.11 0.86
CA PRO D 289 -30.64 29.44 1.39
C PRO D 289 -29.91 29.76 2.68
N GLU D 290 -29.68 28.75 3.51
CA GLU D 290 -29.00 28.96 4.78
C GLU D 290 -28.02 30.10 4.82
N TRP D 291 -27.11 30.15 3.86
CA TRP D 291 -26.10 31.20 3.86
C TRP D 291 -26.50 32.51 3.24
N SER D 292 -27.45 32.45 2.31
CA SER D 292 -27.97 33.61 1.58
C SER D 292 -27.85 34.98 2.21
N GLU D 293 -28.18 35.11 3.49
CA GLU D 293 -28.07 36.43 4.11
C GLU D 293 -26.83 36.59 4.95
N VAL D 294 -26.06 35.52 5.14
CA VAL D 294 -24.85 35.62 5.95
C VAL D 294 -23.80 36.46 5.21
N SER D 295 -23.31 37.50 5.88
CA SER D 295 -22.36 38.47 5.35
C SER D 295 -21.10 37.79 4.80
N GLU D 296 -20.45 38.49 3.85
CA GLU D 296 -19.22 37.98 3.28
C GLU D 296 -18.03 38.16 4.24
N GLU D 297 -18.28 38.94 5.32
CA GLU D 297 -17.24 39.11 6.34
C GLU D 297 -17.18 37.92 7.30
N VAL D 298 -18.31 37.24 7.47
CA VAL D 298 -18.32 36.09 8.33
C VAL D 298 -17.69 34.98 7.53
N LYS D 299 -18.10 34.87 6.27
CA LYS D 299 -17.61 33.84 5.36
C LYS D 299 -16.10 33.94 5.22
N LEU D 301 -14.22 34.96 7.51
CA LEU D 301 -13.70 34.57 8.81
C LEU D 301 -13.61 33.04 8.90
N ILE D 302 -14.64 32.38 8.42
CA ILE D 302 -14.64 30.93 8.42
C ILE D 302 -13.52 30.50 7.48
N ARG D 303 -13.33 31.23 6.40
CA ARG D 303 -12.26 30.85 5.50
C ARG D 303 -10.84 30.98 6.12
N ASN D 304 -10.68 31.84 7.12
CA ASN D 304 -9.35 31.97 7.68
C ASN D 304 -9.10 31.04 8.83
N LEU D 305 -10.05 30.14 9.06
CA LEU D 305 -9.95 29.16 10.11
C LEU D 305 -9.89 27.78 9.48
N LEU D 306 -10.59 27.64 8.36
CA LEU D 306 -10.66 26.40 7.61
C LEU D 306 -9.60 26.37 6.52
N LYS D 307 -8.55 27.15 6.78
CA LYS D 307 -7.42 27.20 5.88
C LYS D 307 -6.79 25.86 6.07
N THR D 308 -6.37 25.27 4.97
CA THR D 308 -5.79 23.96 5.00
C THR D 308 -4.38 23.92 5.47
N GLU D 309 -3.59 24.96 5.22
CA GLU D 309 -2.22 24.94 5.69
C GLU D 309 -2.22 25.60 7.06
N PRO D 310 -1.77 24.89 8.10
CA PRO D 310 -1.75 25.46 9.45
C PRO D 310 -1.15 26.85 9.57
N THR D 311 0.04 27.07 9.03
CA THR D 311 0.64 28.40 9.15
C THR D 311 -0.16 29.48 8.46
N GLN D 312 -1.04 29.08 7.55
CA GLN D 312 -1.93 30.03 6.84
C GLN D 312 -3.18 30.24 7.69
N ARG D 313 -3.26 29.63 8.86
CA ARG D 313 -4.50 29.73 9.63
C ARG D 313 -4.51 30.76 10.71
N THR D 315 -4.83 32.98 14.01
CA THR D 315 -4.44 32.71 15.38
C THR D 315 -5.57 33.08 16.35
N ILE D 316 -5.61 32.51 17.54
CA ILE D 316 -6.69 32.90 18.41
C ILE D 316 -6.66 34.41 18.77
N THR D 317 -5.48 35.03 18.81
CA THR D 317 -5.43 36.46 19.12
C THR D 317 -6.07 37.19 17.98
N GLU D 318 -5.67 36.85 16.78
CA GLU D 318 -6.24 37.45 15.60
C GLU D 318 -7.76 37.26 15.69
N PHE D 319 -8.17 36.07 16.03
CA PHE D 319 -9.58 35.72 16.14
C PHE D 319 -10.32 36.53 17.15
N ASN D 321 -9.72 39.44 18.10
CA ASN D 321 -9.73 40.82 17.67
C ASN D 321 -10.55 40.99 16.41
N HIS D 322 -11.25 39.97 15.98
CA HIS D 322 -12.03 40.16 14.78
C HIS D 322 -13.32 40.85 15.20
N PRO D 323 -13.67 41.94 14.49
CA PRO D 323 -14.84 42.79 14.67
C PRO D 323 -16.07 41.97 15.00
N TRP D 324 -16.27 40.90 14.24
CA TRP D 324 -17.41 40.07 14.48
C TRP D 324 -17.32 39.51 15.90
N ILE D 325 -16.19 38.93 16.29
CA ILE D 325 -16.15 38.39 17.64
C ILE D 325 -16.07 39.48 18.67
N GLN D 327 -16.91 43.04 18.34
CA GLN D 327 -18.13 43.84 18.37
C GLN D 327 -19.33 42.89 18.38
N SER D 328 -19.33 41.94 19.30
CA SER D 328 -20.41 40.96 19.40
C SER D 328 -21.79 41.58 19.57
N THR D 329 -21.79 42.84 19.94
CA THR D 329 -23.00 43.61 20.19
C THR D 329 -23.08 44.79 19.25
N LYS D 330 -22.88 44.49 17.98
CA LYS D 330 -22.91 45.49 16.92
C LYS D 330 -23.16 44.65 15.69
N VAL D 331 -23.43 43.39 15.97
CA VAL D 331 -23.69 42.41 14.92
C VAL D 331 -25.19 42.22 14.68
N PRO D 332 -25.58 42.22 13.40
CA PRO D 332 -26.98 42.16 13.01
C PRO D 332 -27.64 40.82 13.37
N GLN D 333 -28.95 40.89 13.70
CA GLN D 333 -29.63 39.70 14.18
C GLN D 333 -30.38 38.96 13.06
N THR D 334 -29.75 38.88 11.87
CA THR D 334 -30.39 38.12 10.81
C THR D 334 -30.72 36.70 11.27
N PRO D 335 -31.94 36.20 11.04
CA PRO D 335 -32.27 34.85 11.50
C PRO D 335 -31.39 33.79 10.85
N LEU D 336 -31.30 32.64 11.53
CA LEU D 336 -30.40 31.57 11.09
C LEU D 336 -31.12 30.22 11.05
N HIS D 337 -31.12 29.59 9.85
CA HIS D 337 -31.78 28.29 9.72
C HIS D 337 -31.31 27.29 10.79
N THR D 338 -30.14 27.58 11.38
CA THR D 338 -29.52 26.61 12.29
C THR D 338 -30.56 25.77 13.03
N SER D 339 -31.10 26.36 14.12
CA SER D 339 -32.03 25.62 14.97
C SER D 339 -32.91 24.66 14.16
N ARG D 340 -33.54 25.20 13.13
CA ARG D 340 -34.44 24.44 12.26
C ARG D 340 -33.66 23.32 11.58
N VAL D 341 -32.72 23.69 10.72
CA VAL D 341 -31.88 22.72 10.03
C VAL D 341 -31.31 21.74 11.05
N LEU D 342 -30.83 22.29 12.15
CA LEU D 342 -30.22 21.52 13.22
C LEU D 342 -31.22 20.56 13.84
#